data_4KAD
#
_entry.id   4KAD
#
_cell.length_a   51.253
_cell.length_b   81.199
_cell.length_c   82.922
_cell.angle_alpha   90.00
_cell.angle_beta   98.45
_cell.angle_gamma   90.00
#
_symmetry.space_group_name_H-M   'P 1 21 1'
#
loop_
_entity.id
_entity.type
_entity.pdbx_description
1 polymer 'Probable sugar kinase protein'
2 non-polymer ADENOSINE
3 non-polymer N-(4,7-dihydro-1H-inden-6-yl)acetamide
4 non-polymer 'DIMETHYL SULFOXIDE'
5 non-polymer 'POTASSIUM ION'
6 water water
#
_entity_poly.entity_id   1
_entity_poly.type   'polypeptide(L)'
_entity_poly.pdbx_seq_one_letter_code
;(MSE)HHHHHHSSGVDLGTENLYFQS(MSE)TRFDVLTVGNAIVDIISRCNDQFLIDNQITKAA(MSE)NLIDAERAELL
YSR(MSE)GPALEASGGSAGNTAAGVANLGGKAAYFGNVAADQLGDIFTHDIRAQGVHYQTKPKGAFPPTARS(MSE)IF
VTEDGERS(MSE)NTYLGACVELGPEDVEADVVADAKVTYFEGYLWDPPRAKEAILDCARIAHQHGRE(MSE)S(MSE)T
LSDSFCVDRYRGEFLDL(MSE)RSGKVDIVFANRQEALSLYQTDDFEEALNRIAADCKIAAVT(MSE)SENGAVILKGRE
RYYVNAIRIREVVDTTGAGDLFASGFLYGYTQGRSLEDCGKLGCLAAGIVIQQIGPRP(MSE)TSLSEAAKQAGLI
;
_entity_poly.pdbx_strand_id   A,B
#
loop_
_chem_comp.id
_chem_comp.type
_chem_comp.name
_chem_comp.formula
1QB non-polymer N-(4,7-dihydro-1H-inden-6-yl)acetamide 'C11 H13 N O'
ADN non-polymer ADENOSINE 'C10 H13 N5 O4'
DMS non-polymer 'DIMETHYL SULFOXIDE' 'C2 H6 O S'
K non-polymer 'POTASSIUM ION' 'K 1'
#
# COMPACT_ATOMS: atom_id res chain seq x y z
N MSE A 23 -32.00 -3.57 20.95
CA MSE A 23 -30.59 -3.58 20.46
C MSE A 23 -30.51 -4.40 19.20
O MSE A 23 -31.04 -5.52 19.14
CB MSE A 23 -29.60 -4.04 21.53
CG MSE A 23 -30.08 -5.24 22.33
SE MSE A 23 -28.55 -6.20 23.14
CE MSE A 23 -29.53 -7.90 23.37
N THR A 24 -29.85 -3.88 18.18
CA THR A 24 -29.74 -4.57 16.90
C THR A 24 -28.29 -4.94 16.58
N ARG A 25 -28.13 -5.98 15.76
CA ARG A 25 -26.82 -6.50 15.41
C ARG A 25 -25.91 -5.50 14.69
N PHE A 26 -26.49 -4.70 13.80
CA PHE A 26 -25.73 -3.75 12.97
C PHE A 26 -26.32 -2.35 12.96
N ASP A 27 -25.45 -1.35 13.01
CA ASP A 27 -25.86 0.03 12.77
C ASP A 27 -25.96 0.29 11.28
N VAL A 28 -24.94 -0.13 10.52
CA VAL A 28 -24.86 0.19 9.09
C VAL A 28 -24.39 -1.05 8.33
N LEU A 29 -25.23 -1.50 7.39
CA LEU A 29 -24.81 -2.42 6.35
C LEU A 29 -24.54 -1.59 5.10
N THR A 30 -23.41 -1.84 4.45
CA THR A 30 -23.13 -1.22 3.17
C THR A 30 -22.98 -2.30 2.10
N VAL A 31 -23.27 -1.92 0.87
CA VAL A 31 -23.29 -2.86 -0.25
C VAL A 31 -22.63 -2.16 -1.41
N GLY A 32 -21.60 -2.80 -1.97
CA GLY A 32 -20.87 -2.19 -3.07
C GLY A 32 -19.99 -3.13 -3.88
N ASN A 33 -19.27 -2.54 -4.83
CA ASN A 33 -18.26 -3.22 -5.63
C ASN A 33 -17.01 -3.46 -4.81
N ALA A 34 -16.68 -4.73 -4.58
CA ALA A 34 -15.52 -5.06 -3.75
C ALA A 34 -14.27 -4.93 -4.59
N ILE A 35 -13.45 -3.93 -4.25
CA ILE A 35 -12.30 -3.53 -5.07
C ILE A 35 -11.01 -3.39 -4.25
N VAL A 36 -9.89 -3.82 -4.82
CA VAL A 36 -8.57 -3.46 -4.29
C VAL A 36 -7.99 -2.36 -5.15
N ASP A 37 -7.52 -1.30 -4.49
CA ASP A 37 -6.92 -0.12 -5.13
C ASP A 37 -5.41 -0.32 -5.38
N ILE A 38 -5.00 0.10 -6.55
CA ILE A 38 -3.62 0.11 -6.97
C ILE A 38 -3.33 1.58 -7.24
N ILE A 39 -2.51 2.20 -6.38
CA ILE A 39 -2.41 3.67 -6.30
C ILE A 39 -1.03 4.16 -6.74
N SER A 40 -1.02 5.17 -7.62
CA SER A 40 0.23 5.82 -8.01
C SER A 40 0.05 7.32 -8.24
N ARG A 41 1.14 8.06 -8.13
CA ARG A 41 1.14 9.48 -8.43
C ARG A 41 1.43 9.66 -9.94
N CYS A 42 0.82 10.66 -10.57
CA CYS A 42 1.12 10.97 -11.97
C CYS A 42 1.15 12.48 -12.21
N ASN A 43 1.74 12.91 -13.33
CA ASN A 43 1.64 14.32 -13.74
C ASN A 43 0.36 14.58 -14.52
N ASP A 44 0.04 15.85 -14.76
CA ASP A 44 -1.24 16.20 -15.39
C ASP A 44 -1.35 15.67 -16.82
N GLN A 45 -0.21 15.63 -17.52
CA GLN A 45 -0.16 15.19 -18.90
C GLN A 45 -0.45 13.71 -19.04
N PHE A 46 -0.15 12.92 -18.01
CA PHE A 46 -0.44 11.48 -18.02
C PHE A 46 -1.92 11.19 -18.27
N LEU A 47 -2.79 11.95 -17.59
CA LEU A 47 -4.23 11.79 -17.76
C LEU A 47 -4.70 12.12 -19.17
N ILE A 48 -4.18 13.23 -19.70
CA ILE A 48 -4.46 13.67 -21.07
C ILE A 48 -3.96 12.63 -22.09
N ASP A 49 -2.68 12.22 -21.98
CA ASP A 49 -2.12 11.25 -22.95
C ASP A 49 -2.89 9.93 -22.98
N ASN A 50 -3.45 9.54 -21.83
CA ASN A 50 -4.14 8.26 -21.70
C ASN A 50 -5.67 8.35 -21.71
N GLN A 51 -6.18 9.52 -22.10
CA GLN A 51 -7.62 9.74 -22.21
C GLN A 51 -8.39 9.34 -20.94
N ILE A 52 -7.80 9.62 -19.77
CA ILE A 52 -8.43 9.33 -18.46
C ILE A 52 -9.21 10.57 -18.01
N THR A 53 -10.51 10.41 -17.79
CA THR A 53 -11.30 11.55 -17.28
C THR A 53 -10.89 11.88 -15.83
N LYS A 54 -10.34 13.08 -15.63
CA LYS A 54 -9.83 13.48 -14.32
C LYS A 54 -10.96 13.54 -13.29
N ALA A 55 -10.68 13.03 -12.09
CA ALA A 55 -11.55 13.10 -10.91
C ALA A 55 -12.74 12.15 -11.00
N ALA A 56 -12.75 11.32 -12.04
CA ALA A 56 -13.88 10.44 -12.30
C ALA A 56 -13.53 8.96 -12.14
N MSE A 57 -14.58 8.14 -12.10
CA MSE A 57 -14.45 6.68 -12.14
C MSE A 57 -14.63 6.29 -13.59
O MSE A 57 -15.69 6.52 -14.18
CB MSE A 57 -15.52 6.07 -11.24
CG MSE A 57 -15.25 4.64 -10.80
SE MSE A 57 -15.61 3.44 -12.30
CE MSE A 57 -17.56 3.76 -12.39
N ASN A 58 -13.56 5.73 -14.16
CA ASN A 58 -13.48 5.34 -15.56
C ASN A 58 -13.54 3.81 -15.62
N LEU A 59 -14.63 3.24 -16.14
CA LEU A 59 -14.71 1.78 -16.27
C LEU A 59 -13.80 1.32 -17.38
N ILE A 60 -13.12 0.21 -17.13
CA ILE A 60 -12.19 -0.36 -18.12
C ILE A 60 -12.35 -1.88 -18.29
N ASP A 61 -12.07 -2.38 -19.48
CA ASP A 61 -12.03 -3.84 -19.68
C ASP A 61 -10.64 -4.42 -19.35
N ALA A 62 -10.52 -5.75 -19.43
CA ALA A 62 -9.30 -6.48 -19.09
C ALA A 62 -8.07 -6.06 -19.91
N GLU A 63 -8.28 -5.84 -21.20
CA GLU A 63 -7.21 -5.36 -22.09
C GLU A 63 -6.77 -3.95 -21.73
N ARG A 64 -7.73 -3.04 -21.54
CA ARG A 64 -7.36 -1.69 -21.11
C ARG A 64 -6.64 -1.73 -19.77
N ALA A 65 -7.05 -2.62 -18.86
CA ALA A 65 -6.40 -2.73 -17.55
C ALA A 65 -4.92 -3.09 -17.69
N GLU A 66 -4.63 -4.10 -18.51
CA GLU A 66 -3.24 -4.47 -18.79
C GLU A 66 -2.46 -3.28 -19.36
N LEU A 67 -3.07 -2.61 -20.34
CA LEU A 67 -2.43 -1.50 -21.03
C LEU A 67 -2.09 -0.38 -20.04
N LEU A 68 -3.08 0.08 -19.28
CA LEU A 68 -2.85 1.13 -18.28
C LEU A 68 -1.78 0.76 -17.26
N TYR A 69 -1.86 -0.46 -16.73
CA TYR A 69 -0.90 -0.92 -15.75
C TYR A 69 0.51 -0.86 -16.31
N SER A 70 0.64 -1.13 -17.61
CA SER A 70 1.95 -1.18 -18.27
C SER A 70 2.58 0.21 -18.32
N ARG A 71 1.74 1.24 -18.18
CA ARG A 71 2.20 2.62 -18.23
C ARG A 71 2.31 3.27 -16.85
N MSE A 72 1.69 2.63 -15.86
CA MSE A 72 1.70 3.13 -14.48
C MSE A 72 3.04 2.95 -13.81
O MSE A 72 3.74 1.96 -14.03
CB MSE A 72 0.61 2.38 -13.75
CG MSE A 72 0.49 2.86 -12.32
SE MSE A 72 -0.98 1.82 -11.56
CE MSE A 72 -1.99 3.24 -10.63
N GLY A 73 3.39 3.89 -12.94
CA GLY A 73 4.62 3.79 -12.16
C GLY A 73 4.51 2.75 -11.04
N PRO A 74 5.57 2.63 -10.22
CA PRO A 74 5.52 1.82 -9.00
C PRO A 74 4.30 2.24 -8.20
N ALA A 75 3.58 1.23 -7.70
CA ALA A 75 2.28 1.44 -7.07
C ALA A 75 2.22 0.88 -5.66
N LEU A 76 1.16 1.26 -4.93
CA LEU A 76 0.87 0.73 -3.62
C LEU A 76 -0.52 0.14 -3.68
N GLU A 77 -0.76 -0.94 -2.95
CA GLU A 77 -2.09 -1.57 -2.96
C GLU A 77 -2.75 -1.42 -1.62
N ALA A 78 -4.03 -1.10 -1.66
CA ALA A 78 -4.84 -0.97 -0.44
C ALA A 78 -6.28 -1.36 -0.76
N SER A 79 -6.93 -2.08 0.15
CA SER A 79 -8.36 -2.40 0.03
C SER A 79 -9.17 -1.13 -0.15
N GLY A 80 -10.10 -1.18 -1.12
CA GLY A 80 -10.92 -0.02 -1.51
C GLY A 80 -12.39 -0.42 -1.63
N GLY A 81 -13.06 0.10 -2.66
CA GLY A 81 -14.50 -0.07 -2.85
C GLY A 81 -15.18 1.02 -2.02
N SER A 82 -15.95 1.88 -2.68
CA SER A 82 -16.53 3.03 -1.99
CA SER A 82 -16.58 3.03 -2.01
C SER A 82 -17.30 2.61 -0.71
N ALA A 83 -18.28 1.72 -0.86
CA ALA A 83 -19.05 1.16 0.28
C ALA A 83 -18.18 0.39 1.28
N GLY A 84 -17.15 -0.30 0.78
CA GLY A 84 -16.20 -1.00 1.65
C GLY A 84 -15.54 -0.02 2.59
N ASN A 85 -15.05 1.07 2.01
CA ASN A 85 -14.42 2.17 2.75
C ASN A 85 -15.38 2.71 3.79
N THR A 86 -16.64 2.93 3.38
CA THR A 86 -17.68 3.47 4.27
C THR A 86 -17.95 2.53 5.47
N ALA A 87 -18.11 1.23 5.21
CA ALA A 87 -18.26 0.25 6.29
C ALA A 87 -17.07 0.29 7.26
N ALA A 88 -15.86 0.27 6.71
CA ALA A 88 -14.66 0.33 7.52
C ALA A 88 -14.61 1.58 8.41
N GLY A 89 -15.01 2.72 7.84
CA GLY A 89 -15.08 4.00 8.56
C GLY A 89 -16.05 3.99 9.74
N VAL A 90 -17.23 3.41 9.54
CA VAL A 90 -18.18 3.21 10.63
C VAL A 90 -17.59 2.35 11.76
N ALA A 91 -16.93 1.24 11.40
CA ALA A 91 -16.29 0.36 12.38
C ALA A 91 -15.19 1.09 13.16
N ASN A 92 -14.36 1.82 12.42
CA ASN A 92 -13.29 2.64 12.99
C ASN A 92 -13.84 3.61 14.04
N LEU A 93 -14.93 4.29 13.71
CA LEU A 93 -15.57 5.23 14.66
C LEU A 93 -16.18 4.58 15.90
N GLY A 94 -16.41 3.26 15.83
CA GLY A 94 -16.94 2.50 16.94
C GLY A 94 -18.33 1.91 16.74
N GLY A 95 -18.89 2.12 15.55
CA GLY A 95 -20.22 1.59 15.22
C GLY A 95 -20.14 0.16 14.75
N LYS A 96 -21.30 -0.48 14.62
CA LYS A 96 -21.33 -1.88 14.20
CA LYS A 96 -21.35 -1.89 14.20
C LYS A 96 -21.70 -1.97 12.71
N ALA A 97 -20.75 -2.45 11.91
CA ALA A 97 -20.90 -2.44 10.46
C ALA A 97 -20.88 -3.82 9.81
N ALA A 98 -21.56 -3.93 8.68
CA ALA A 98 -21.55 -5.13 7.83
C ALA A 98 -21.40 -4.72 6.38
N TYR A 99 -20.94 -5.64 5.54
CA TYR A 99 -20.71 -5.38 4.12
C TYR A 99 -21.13 -6.57 3.24
N PHE A 100 -21.75 -6.27 2.10
CA PHE A 100 -21.98 -7.24 1.02
C PHE A 100 -21.16 -6.78 -0.18
N GLY A 101 -20.41 -7.68 -0.81
CA GLY A 101 -19.66 -7.33 -2.00
C GLY A 101 -18.90 -8.57 -2.39
N ASN A 102 -18.72 -8.77 -3.69
CA ASN A 102 -18.19 -10.03 -4.22
C ASN A 102 -16.77 -9.92 -4.75
N VAL A 103 -15.88 -10.71 -4.13
CA VAL A 103 -14.51 -10.89 -4.63
C VAL A 103 -14.35 -12.27 -5.27
N ALA A 104 -13.21 -12.51 -5.92
CA ALA A 104 -12.85 -13.86 -6.39
C ALA A 104 -12.02 -14.60 -5.35
N ALA A 105 -11.90 -15.92 -5.53
CA ALA A 105 -11.05 -16.74 -4.68
C ALA A 105 -9.60 -16.61 -5.17
N ASP A 106 -9.00 -15.45 -4.94
CA ASP A 106 -7.62 -15.20 -5.37
C ASP A 106 -6.91 -14.37 -4.32
N GLN A 107 -5.67 -13.98 -4.58
CA GLN A 107 -4.87 -13.28 -3.60
C GLN A 107 -5.43 -11.89 -3.29
N LEU A 108 -5.87 -11.17 -4.33
CA LEU A 108 -6.48 -9.85 -4.14
C LEU A 108 -7.76 -9.96 -3.31
N GLY A 109 -8.55 -11.01 -3.58
CA GLY A 109 -9.76 -11.26 -2.81
C GLY A 109 -9.49 -11.59 -1.35
N ASP A 110 -8.41 -12.34 -1.11
CA ASP A 110 -8.02 -12.68 0.24
C ASP A 110 -7.56 -11.43 0.99
N ILE A 111 -6.90 -10.52 0.28
CA ILE A 111 -6.48 -9.24 0.86
C ILE A 111 -7.72 -8.41 1.25
N PHE A 112 -8.65 -8.31 0.30
CA PHE A 112 -9.88 -7.56 0.55
C PHE A 112 -10.63 -8.13 1.76
N THR A 113 -10.82 -9.44 1.76
CA THR A 113 -11.49 -10.13 2.86
C THR A 113 -10.82 -9.88 4.20
N HIS A 114 -9.51 -10.03 4.24
CA HIS A 114 -8.76 -9.78 5.45
C HIS A 114 -8.97 -8.35 5.99
N ASP A 115 -8.77 -7.35 5.14
CA ASP A 115 -8.72 -5.95 5.60
C ASP A 115 -10.05 -5.51 6.18
N ILE A 116 -11.13 -5.88 5.51
CA ILE A 116 -12.46 -5.44 5.97
C ILE A 116 -12.89 -6.15 7.27
N ARG A 117 -12.66 -7.45 7.35
CA ARG A 117 -12.92 -8.22 8.56
C ARG A 117 -12.02 -7.80 9.73
N ALA A 118 -10.75 -7.48 9.44
CA ALA A 118 -9.79 -7.08 10.46
C ALA A 118 -10.18 -5.74 11.09
N GLN A 119 -10.94 -4.95 10.33
CA GLN A 119 -11.47 -3.70 10.82
C GLN A 119 -12.69 -3.94 11.74
N GLY A 120 -13.18 -5.19 11.75
CA GLY A 120 -14.32 -5.57 12.58
C GLY A 120 -15.66 -5.40 11.90
N VAL A 121 -15.64 -5.32 10.57
CA VAL A 121 -16.83 -5.38 9.71
C VAL A 121 -17.23 -6.84 9.46
N HIS A 122 -18.53 -7.10 9.53
CA HIS A 122 -19.06 -8.42 9.27
C HIS A 122 -19.05 -8.58 7.76
N TYR A 123 -18.27 -9.51 7.26
CA TYR A 123 -18.18 -9.69 5.82
C TYR A 123 -18.17 -11.17 5.48
N GLN A 124 -19.29 -11.63 4.93
CA GLN A 124 -19.50 -13.06 4.70
C GLN A 124 -19.84 -13.49 3.27
N THR A 125 -19.74 -12.55 2.32
CA THR A 125 -20.06 -12.86 0.92
C THR A 125 -19.07 -13.90 0.39
N LYS A 126 -19.60 -14.99 -0.15
CA LYS A 126 -18.76 -16.10 -0.61
C LYS A 126 -18.30 -15.88 -2.05
N PRO A 127 -17.01 -16.09 -2.33
CA PRO A 127 -16.53 -16.02 -3.72
C PRO A 127 -17.06 -17.20 -4.53
N LYS A 128 -17.22 -17.02 -5.84
CA LYS A 128 -17.79 -18.05 -6.72
C LYS A 128 -16.78 -18.90 -7.51
N GLY A 129 -15.51 -18.63 -7.31
CA GLY A 129 -14.44 -19.21 -8.10
C GLY A 129 -13.34 -18.18 -8.23
N ALA A 130 -12.31 -18.50 -8.99
CA ALA A 130 -11.16 -17.59 -9.18
C ALA A 130 -11.35 -16.65 -10.37
N PHE A 131 -12.38 -16.91 -11.18
CA PHE A 131 -12.60 -16.16 -12.42
C PHE A 131 -14.06 -15.82 -12.67
N PRO A 132 -14.35 -14.54 -13.00
CA PRO A 132 -13.42 -13.41 -13.15
C PRO A 132 -12.65 -13.09 -11.86
N PRO A 133 -11.44 -12.51 -11.99
CA PRO A 133 -10.66 -12.20 -10.79
C PRO A 133 -11.22 -11.02 -10.01
N THR A 134 -10.71 -10.83 -8.81
CA THR A 134 -11.11 -9.73 -7.93
C THR A 134 -10.95 -8.37 -8.60
N ALA A 135 -11.96 -7.51 -8.44
CA ALA A 135 -11.93 -6.20 -9.06
C ALA A 135 -10.71 -5.44 -8.57
N ARG A 136 -10.14 -4.64 -9.44
CA ARG A 136 -9.12 -3.67 -9.06
C ARG A 136 -9.34 -2.30 -9.73
N SER A 137 -8.84 -1.24 -9.08
CA SER A 137 -8.95 0.09 -9.61
C SER A 137 -7.59 0.76 -9.57
N MSE A 138 -7.12 1.18 -10.73
CA MSE A 138 -5.87 1.94 -10.80
C MSE A 138 -6.22 3.37 -10.60
O MSE A 138 -6.93 3.98 -11.41
CB MSE A 138 -5.17 1.67 -12.11
CG MSE A 138 -4.62 0.26 -12.06
SE MSE A 138 -3.90 -0.06 -13.85
CE MSE A 138 -5.53 -0.79 -14.65
N ILE A 139 -5.72 3.91 -9.49
CA ILE A 139 -6.03 5.26 -9.07
C ILE A 139 -4.79 6.13 -9.21
N PHE A 140 -4.93 7.16 -10.06
CA PHE A 140 -3.84 8.10 -10.33
C PHE A 140 -4.08 9.40 -9.56
N VAL A 141 -3.12 9.76 -8.71
CA VAL A 141 -3.24 10.97 -7.89
C VAL A 141 -2.35 12.07 -8.47
N THR A 142 -2.96 13.19 -8.85
CA THR A 142 -2.24 14.31 -9.44
C THR A 142 -1.70 15.23 -8.32
N GLU A 143 -0.88 16.21 -8.68
CA GLU A 143 -0.19 17.10 -7.72
C GLU A 143 -1.14 17.89 -6.83
N ASP A 144 -2.31 18.22 -7.38
CA ASP A 144 -3.37 18.89 -6.61
C ASP A 144 -4.12 17.93 -5.67
N GLY A 145 -3.76 16.65 -5.68
CA GLY A 145 -4.36 15.69 -4.75
C GLY A 145 -5.65 15.03 -5.24
N GLU A 146 -6.13 15.45 -6.42
CA GLU A 146 -7.29 14.82 -7.05
C GLU A 146 -6.96 13.39 -7.43
N ARG A 147 -7.96 12.52 -7.42
CA ARG A 147 -7.81 11.11 -7.82
CA ARG A 147 -7.82 11.12 -7.80
C ARG A 147 -8.68 10.72 -9.06
N SER A 148 -8.05 9.97 -9.95
CA SER A 148 -8.73 9.55 -11.17
C SER A 148 -8.62 8.04 -11.24
N MSE A 149 -9.77 7.38 -11.24
CA MSE A 149 -9.86 5.93 -10.99
C MSE A 149 -10.16 5.25 -12.26
O MSE A 149 -10.89 5.78 -13.10
CB MSE A 149 -10.94 5.60 -9.96
CG MSE A 149 -10.73 6.52 -8.76
SE MSE A 149 -11.78 5.85 -7.24
CE MSE A 149 -13.56 6.35 -7.93
N ASN A 150 -9.60 4.05 -12.41
CA ASN A 150 -9.73 3.25 -13.63
C ASN A 150 -9.99 1.81 -13.24
N THR A 151 -11.27 1.42 -13.36
CA THR A 151 -11.78 0.29 -12.60
C THR A 151 -12.20 -0.88 -13.46
N TYR A 152 -11.52 -2.01 -13.25
CA TYR A 152 -11.91 -3.29 -13.85
C TYR A 152 -12.76 -4.05 -12.83
N LEU A 153 -14.02 -4.25 -13.17
CA LEU A 153 -15.00 -4.78 -12.21
C LEU A 153 -14.82 -6.27 -11.88
N GLY A 154 -14.22 -7.03 -12.79
CA GLY A 154 -13.95 -8.45 -12.51
C GLY A 154 -15.10 -9.14 -11.79
N ALA A 155 -14.78 -9.78 -10.66
CA ALA A 155 -15.77 -10.57 -9.90
C ALA A 155 -16.98 -9.77 -9.38
N CYS A 156 -16.91 -8.44 -9.35
CA CYS A 156 -18.09 -7.63 -9.00
C CYS A 156 -19.31 -7.89 -9.90
N VAL A 157 -19.07 -8.33 -11.14
CA VAL A 157 -20.19 -8.57 -12.06
C VAL A 157 -21.09 -9.72 -11.61
N GLU A 158 -20.61 -10.51 -10.64
CA GLU A 158 -21.32 -11.70 -10.17
C GLU A 158 -22.19 -11.44 -8.94
N LEU A 159 -22.11 -10.24 -8.37
CA LEU A 159 -22.92 -9.93 -7.21
C LEU A 159 -24.38 -9.93 -7.60
N GLY A 160 -25.20 -10.64 -6.84
CA GLY A 160 -26.62 -10.76 -7.15
C GLY A 160 -27.48 -11.04 -5.94
N PRO A 161 -28.79 -11.29 -6.16
CA PRO A 161 -29.73 -11.53 -5.07
C PRO A 161 -29.28 -12.66 -4.14
N GLU A 162 -28.53 -13.63 -4.67
CA GLU A 162 -28.02 -14.76 -3.88
C GLU A 162 -27.07 -14.35 -2.73
N ASP A 163 -26.51 -13.15 -2.82
CA ASP A 163 -25.56 -12.63 -1.84
C ASP A 163 -26.21 -11.74 -0.78
N VAL A 164 -27.54 -11.61 -0.84
CA VAL A 164 -28.27 -10.88 0.19
C VAL A 164 -28.42 -11.79 1.40
N GLU A 165 -27.82 -11.42 2.53
CA GLU A 165 -28.03 -12.09 3.79
C GLU A 165 -29.22 -11.38 4.40
N ALA A 166 -30.41 -11.96 4.27
CA ALA A 166 -31.64 -11.28 4.67
C ALA A 166 -31.63 -10.95 6.16
N ASP A 167 -31.12 -11.87 6.98
CA ASP A 167 -30.98 -11.64 8.42
C ASP A 167 -30.16 -10.38 8.72
N VAL A 168 -29.13 -10.12 7.92
CA VAL A 168 -28.26 -8.96 8.14
C VAL A 168 -28.98 -7.68 7.77
N VAL A 169 -29.69 -7.70 6.63
CA VAL A 169 -30.46 -6.54 6.20
C VAL A 169 -31.52 -6.28 7.26
N ALA A 170 -32.24 -7.33 7.66
CA ALA A 170 -33.27 -7.21 8.69
C ALA A 170 -32.75 -6.59 9.99
N ASP A 171 -31.47 -6.85 10.31
CA ASP A 171 -30.91 -6.45 11.61
C ASP A 171 -29.96 -5.24 11.53
N ALA A 172 -29.96 -4.52 10.40
CA ALA A 172 -29.22 -3.26 10.29
C ALA A 172 -30.11 -2.01 10.32
N LYS A 173 -29.74 -1.05 11.15
CA LYS A 173 -30.48 0.20 11.27
C LYS A 173 -30.54 0.95 9.94
N VAL A 174 -29.40 1.02 9.25
CA VAL A 174 -29.34 1.62 7.91
C VAL A 174 -28.64 0.67 6.96
N THR A 175 -29.26 0.42 5.81
CA THR A 175 -28.55 -0.19 4.69
C THR A 175 -28.21 0.84 3.61
N TYR A 176 -26.92 0.91 3.27
CA TYR A 176 -26.37 1.93 2.38
C TYR A 176 -25.69 1.28 1.19
N PHE A 177 -25.94 1.81 0.00
CA PHE A 177 -25.40 1.22 -1.23
C PHE A 177 -24.88 2.25 -2.23
N GLU A 178 -24.00 1.81 -3.14
CA GLU A 178 -23.43 2.66 -4.19
C GLU A 178 -24.29 2.74 -5.44
N GLY A 179 -24.41 3.96 -5.97
CA GLY A 179 -24.88 4.18 -7.33
C GLY A 179 -24.05 3.39 -8.33
N TYR A 180 -22.77 3.21 -8.02
CA TYR A 180 -21.85 2.39 -8.80
C TYR A 180 -22.34 0.95 -9.07
N LEU A 181 -23.20 0.44 -8.19
CA LEU A 181 -23.79 -0.91 -8.35
C LEU A 181 -24.69 -1.07 -9.58
N TRP A 182 -25.09 0.03 -10.21
CA TRP A 182 -25.92 0.00 -11.42
C TRP A 182 -25.13 -0.38 -12.68
N ASP A 183 -23.80 -0.31 -12.59
CA ASP A 183 -22.95 -0.77 -13.70
C ASP A 183 -22.92 -2.29 -13.90
N PRO A 184 -22.58 -3.07 -12.83
CA PRO A 184 -22.69 -4.54 -13.00
C PRO A 184 -24.14 -4.95 -13.22
N PRO A 185 -24.37 -6.13 -13.82
CA PRO A 185 -25.71 -6.41 -14.36
C PRO A 185 -26.80 -6.73 -13.36
N ARG A 186 -26.47 -7.44 -12.28
CA ARG A 186 -27.49 -8.02 -11.40
CA ARG A 186 -27.48 -8.02 -11.41
C ARG A 186 -27.48 -7.46 -9.98
N ALA A 187 -26.50 -6.61 -9.67
CA ALA A 187 -26.44 -6.02 -8.34
C ALA A 187 -27.71 -5.25 -7.98
N LYS A 188 -28.34 -4.61 -8.95
CA LYS A 188 -29.54 -3.81 -8.69
C LYS A 188 -30.66 -4.68 -8.12
N GLU A 189 -30.79 -5.91 -8.62
CA GLU A 189 -31.75 -6.87 -8.10
C GLU A 189 -31.50 -7.18 -6.61
N ALA A 190 -30.24 -7.30 -6.22
CA ALA A 190 -29.89 -7.50 -4.81
C ALA A 190 -30.32 -6.30 -3.98
N ILE A 191 -30.09 -5.10 -4.50
CA ILE A 191 -30.49 -3.86 -3.81
C ILE A 191 -32.02 -3.73 -3.62
N LEU A 192 -32.79 -4.06 -4.66
CA LEU A 192 -34.25 -4.08 -4.54
C LEU A 192 -34.72 -5.07 -3.46
N ASP A 193 -34.05 -6.22 -3.37
CA ASP A 193 -34.32 -7.17 -2.29
C ASP A 193 -33.97 -6.54 -0.93
N CYS A 194 -32.82 -5.84 -0.85
CA CYS A 194 -32.41 -5.13 0.37
C CYS A 194 -33.45 -4.11 0.81
N ALA A 195 -33.92 -3.28 -0.12
CA ALA A 195 -34.88 -2.22 0.18
C ALA A 195 -36.19 -2.79 0.72
N ARG A 196 -36.62 -3.89 0.13
CA ARG A 196 -37.84 -4.57 0.58
C ARG A 196 -37.67 -5.09 2.02
N ILE A 197 -36.57 -5.80 2.27
CA ILE A 197 -36.31 -6.41 3.57
C ILE A 197 -36.13 -5.32 4.63
N ALA A 198 -35.36 -4.29 4.27
CA ALA A 198 -35.08 -3.18 5.18
C ALA A 198 -36.37 -2.50 5.61
N HIS A 199 -37.20 -2.12 4.64
CA HIS A 199 -38.44 -1.41 4.97
C HIS A 199 -39.49 -2.27 5.68
N GLN A 200 -39.52 -3.57 5.36
CA GLN A 200 -40.41 -4.50 6.05
C GLN A 200 -40.09 -4.57 7.55
N HIS A 201 -38.81 -4.37 7.88
CA HIS A 201 -38.33 -4.42 9.25
C HIS A 201 -38.14 -3.03 9.87
N GLY A 202 -38.72 -2.00 9.24
CA GLY A 202 -38.68 -0.63 9.76
C GLY A 202 -37.32 0.06 9.75
N ARG A 203 -36.40 -0.42 8.92
CA ARG A 203 -35.07 0.18 8.79
C ARG A 203 -35.06 1.22 7.68
N GLU A 204 -33.94 1.94 7.55
CA GLU A 204 -33.82 2.93 6.49
C GLU A 204 -32.79 2.58 5.44
N MSE A 205 -33.08 2.99 4.21
CA MSE A 205 -32.23 2.74 3.06
C MSE A 205 -31.53 4.01 2.71
O MSE A 205 -32.11 5.10 2.74
CB MSE A 205 -33.08 2.36 1.86
CG MSE A 205 -33.71 0.98 1.96
SE MSE A 205 -32.32 -0.42 2.09
CE MSE A 205 -31.26 -0.05 0.47
N SER A 206 -30.26 3.88 2.34
CA SER A 206 -29.47 5.03 1.92
C SER A 206 -28.67 4.70 0.65
N MSE A 207 -28.44 5.70 -0.18
CA MSE A 207 -27.51 5.55 -1.33
C MSE A 207 -26.60 6.73 -1.50
O MSE A 207 -26.87 7.83 -1.03
CB MSE A 207 -28.29 5.32 -2.61
CG MSE A 207 -28.75 6.61 -3.27
SE MSE A 207 -29.56 6.10 -4.99
CE MSE A 207 -27.94 5.38 -5.88
N THR A 208 -25.48 6.50 -2.17
CA THR A 208 -24.66 7.58 -2.68
C THR A 208 -24.76 7.61 -4.20
N LEU A 209 -24.73 8.82 -4.74
CA LEU A 209 -24.80 9.02 -6.18
C LEU A 209 -23.48 8.65 -6.87
N SER A 210 -22.43 8.47 -6.05
CA SER A 210 -21.13 7.86 -6.41
C SER A 210 -20.20 8.67 -7.33
N ASP A 211 -20.74 9.17 -8.44
CA ASP A 211 -19.92 9.76 -9.51
C ASP A 211 -20.85 10.42 -10.53
N SER A 212 -20.44 11.59 -11.03
CA SER A 212 -21.33 12.39 -11.90
C SER A 212 -21.65 11.69 -13.23
N PHE A 213 -20.71 10.90 -13.75
CA PHE A 213 -20.95 10.13 -14.96
C PHE A 213 -21.79 8.91 -14.64
N CYS A 214 -21.62 8.36 -13.44
CA CYS A 214 -22.49 7.27 -12.97
C CYS A 214 -23.93 7.78 -12.98
N VAL A 215 -24.13 8.97 -12.42
CA VAL A 215 -25.44 9.62 -12.41
C VAL A 215 -25.97 9.82 -13.82
N ASP A 216 -25.10 10.21 -14.76
CA ASP A 216 -25.51 10.41 -16.14
C ASP A 216 -26.00 9.11 -16.79
N ARG A 217 -25.34 8.01 -16.47
CA ARG A 217 -25.75 6.70 -16.96
C ARG A 217 -27.10 6.23 -16.40
N TYR A 218 -27.42 6.61 -15.15
CA TYR A 218 -28.58 6.04 -14.44
C TYR A 218 -29.49 7.06 -13.79
N ARG A 219 -29.48 8.27 -14.33
CA ARG A 219 -30.24 9.41 -13.81
C ARG A 219 -31.71 9.05 -13.48
N GLY A 220 -32.46 8.61 -14.49
CA GLY A 220 -33.87 8.22 -14.31
C GLY A 220 -34.07 7.16 -13.23
N GLU A 221 -33.21 6.15 -13.22
CA GLU A 221 -33.30 5.08 -12.24
C GLU A 221 -33.03 5.55 -10.81
N PHE A 222 -32.04 6.42 -10.64
CA PHE A 222 -31.73 6.98 -9.34
C PHE A 222 -32.89 7.85 -8.82
N LEU A 223 -33.44 8.69 -9.69
CA LEU A 223 -34.58 9.55 -9.30
C LEU A 223 -35.76 8.70 -8.86
N ASP A 224 -35.98 7.60 -9.58
CA ASP A 224 -37.04 6.65 -9.22
C ASP A 224 -36.81 5.98 -7.87
N LEU A 225 -35.57 5.59 -7.57
CA LEU A 225 -35.26 5.01 -6.26
C LEU A 225 -35.69 5.97 -5.15
N MSE A 226 -35.45 7.26 -5.36
CA MSE A 226 -35.74 8.28 -4.34
C MSE A 226 -37.21 8.58 -4.27
O MSE A 226 -37.79 8.64 -3.18
CB MSE A 226 -34.92 9.54 -4.62
CG MSE A 226 -33.42 9.29 -4.47
SE MSE A 226 -32.44 10.74 -5.38
CE MSE A 226 -32.96 12.29 -4.30
N ARG A 227 -37.85 8.77 -5.44
CA ARG A 227 -39.27 9.18 -5.51
C ARG A 227 -40.23 8.07 -5.07
N SER A 228 -39.84 6.81 -5.27
CA SER A 228 -40.65 5.65 -4.86
C SER A 228 -40.45 5.28 -3.39
N GLY A 229 -39.50 5.93 -2.72
CA GLY A 229 -39.20 5.69 -1.31
C GLY A 229 -38.35 4.46 -1.03
N LYS A 230 -37.77 3.86 -2.06
CA LYS A 230 -36.82 2.78 -1.86
C LYS A 230 -35.57 3.32 -1.18
N VAL A 231 -35.24 4.59 -1.43
CA VAL A 231 -34.12 5.28 -0.76
C VAL A 231 -34.64 6.40 0.15
N ASP A 232 -34.18 6.39 1.40
CA ASP A 232 -34.58 7.41 2.41
C ASP A 232 -33.55 8.52 2.59
N ILE A 233 -32.27 8.18 2.55
CA ILE A 233 -31.19 9.15 2.74
C ILE A 233 -30.25 9.08 1.55
N VAL A 234 -29.99 10.24 0.92
CA VAL A 234 -29.13 10.31 -0.27
CA VAL A 234 -29.13 10.31 -0.26
C VAL A 234 -27.87 11.14 -0.02
N PHE A 235 -26.73 10.61 -0.46
CA PHE A 235 -25.46 11.31 -0.38
C PHE A 235 -25.05 11.75 -1.79
N ALA A 236 -24.62 13.00 -1.90
CA ALA A 236 -24.17 13.58 -3.15
C ALA A 236 -23.07 14.60 -2.89
N ASN A 237 -22.20 14.80 -3.86
CA ASN A 237 -21.34 15.98 -3.88
C ASN A 237 -21.92 17.01 -4.87
N ARG A 238 -21.27 18.15 -5.02
CA ARG A 238 -21.76 19.20 -5.90
C ARG A 238 -21.94 18.69 -7.33
N GLN A 239 -20.90 18.05 -7.85
CA GLN A 239 -20.91 17.54 -9.22
C GLN A 239 -22.05 16.54 -9.48
N GLU A 240 -22.27 15.64 -8.54
CA GLU A 240 -23.31 14.63 -8.66
C GLU A 240 -24.72 15.24 -8.62
N ALA A 241 -24.91 16.24 -7.74
CA ALA A 241 -26.20 16.93 -7.63
C ALA A 241 -26.52 17.73 -8.90
N LEU A 242 -25.52 18.43 -9.42
CA LEU A 242 -25.67 19.15 -10.69
C LEU A 242 -26.01 18.21 -11.85
N SER A 243 -25.33 17.07 -11.89
N SER A 243 -25.34 17.06 -11.90
CA SER A 243 -25.58 16.07 -12.93
CA SER A 243 -25.60 16.06 -12.94
C SER A 243 -26.98 15.44 -12.80
C SER A 243 -26.98 15.44 -12.82
N LEU A 244 -27.40 15.16 -11.58
CA LEU A 244 -28.71 14.55 -11.34
C LEU A 244 -29.83 15.36 -11.98
N TYR A 245 -29.71 16.69 -11.93
CA TYR A 245 -30.71 17.57 -12.52
C TYR A 245 -30.25 18.28 -13.79
N GLN A 246 -29.07 17.88 -14.28
CA GLN A 246 -28.46 18.45 -15.48
C GLN A 246 -28.54 19.97 -15.50
N THR A 247 -28.11 20.58 -14.40
CA THR A 247 -28.16 22.03 -14.24
C THR A 247 -26.79 22.62 -13.88
N ASP A 248 -26.61 23.90 -14.17
CA ASP A 248 -25.40 24.62 -13.71
C ASP A 248 -25.69 25.44 -12.45
N ASP A 249 -26.92 25.35 -11.97
CA ASP A 249 -27.42 26.12 -10.83
C ASP A 249 -27.48 25.25 -9.57
N PHE A 250 -26.49 25.43 -8.69
CA PHE A 250 -26.40 24.65 -7.45
C PHE A 250 -27.57 24.85 -6.50
N GLU A 251 -28.11 26.06 -6.45
CA GLU A 251 -29.28 26.32 -5.60
C GLU A 251 -30.49 25.52 -6.04
N GLU A 252 -30.68 25.39 -7.36
CA GLU A 252 -31.75 24.58 -7.95
C GLU A 252 -31.58 23.10 -7.62
N ALA A 253 -30.36 22.59 -7.76
CA ALA A 253 -30.06 21.21 -7.41
C ALA A 253 -30.42 20.91 -5.96
N LEU A 254 -30.12 21.84 -5.05
CA LEU A 254 -30.41 21.65 -3.62
C LEU A 254 -31.91 21.62 -3.34
N ASN A 255 -32.66 22.53 -3.96
CA ASN A 255 -34.11 22.51 -3.84
C ASN A 255 -34.72 21.22 -4.40
N ARG A 256 -34.25 20.80 -5.57
CA ARG A 256 -34.80 19.61 -6.22
C ARG A 256 -34.49 18.32 -5.44
N ILE A 257 -33.27 18.19 -4.94
CA ILE A 257 -32.88 16.99 -4.21
C ILE A 257 -33.66 16.86 -2.89
N ALA A 258 -33.90 18.00 -2.24
CA ALA A 258 -34.73 18.03 -1.03
C ALA A 258 -36.17 17.59 -1.30
N ALA A 259 -36.65 17.82 -2.52
CA ALA A 259 -38.01 17.43 -2.89
C ALA A 259 -38.09 15.95 -3.21
N ASP A 260 -36.94 15.36 -3.53
CA ASP A 260 -36.89 13.99 -4.02
C ASP A 260 -36.60 12.91 -2.98
N CYS A 261 -36.01 13.28 -1.84
CA CYS A 261 -35.71 12.31 -0.79
CA CYS A 261 -35.62 12.34 -0.79
C CYS A 261 -35.94 12.90 0.60
N LYS A 262 -36.12 12.02 1.59
CA LYS A 262 -36.42 12.46 2.96
C LYS A 262 -35.27 13.26 3.60
N ILE A 263 -34.06 12.74 3.45
CA ILE A 263 -32.85 13.43 3.91
C ILE A 263 -31.82 13.41 2.78
N ALA A 264 -31.18 14.55 2.54
CA ALA A 264 -30.10 14.64 1.58
C ALA A 264 -28.85 15.20 2.26
N ALA A 265 -27.71 14.54 2.05
CA ALA A 265 -26.45 15.07 2.57
C ALA A 265 -25.60 15.42 1.38
N VAL A 266 -25.33 16.71 1.21
CA VAL A 266 -24.64 17.21 0.02
C VAL A 266 -23.29 17.79 0.41
N THR A 267 -22.22 17.17 -0.08
CA THR A 267 -20.88 17.64 0.24
C THR A 267 -20.42 18.67 -0.79
N MSE A 268 -19.56 19.59 -0.36
CA MSE A 268 -19.04 20.62 -1.25
C MSE A 268 -17.56 20.84 -1.06
O MSE A 268 -17.10 21.98 -1.06
CB MSE A 268 -19.78 21.94 -1.03
CG MSE A 268 -21.29 21.79 -1.03
SE MSE A 268 -22.08 23.46 -0.33
CE MSE A 268 -21.70 23.25 1.59
N SER A 269 -16.81 19.75 -0.91
CA SER A 269 -15.35 19.81 -0.80
C SER A 269 -14.88 20.73 0.35
N GLU A 270 -14.00 21.68 0.02
CA GLU A 270 -13.45 22.63 1.00
C GLU A 270 -14.51 23.57 1.58
N ASN A 271 -15.68 23.57 0.94
CA ASN A 271 -16.80 24.40 1.42
C ASN A 271 -17.71 23.67 2.41
N GLY A 272 -17.30 22.46 2.80
CA GLY A 272 -17.98 21.70 3.82
C GLY A 272 -19.13 20.88 3.27
N ALA A 273 -20.29 20.99 3.92
CA ALA A 273 -21.47 20.20 3.55
C ALA A 273 -22.77 20.90 3.95
N VAL A 274 -23.86 20.49 3.30
CA VAL A 274 -25.21 20.91 3.67
C VAL A 274 -26.13 19.68 3.80
N ILE A 275 -26.83 19.63 4.92
CA ILE A 275 -27.76 18.54 5.21
C ILE A 275 -29.15 19.12 5.04
N LEU A 276 -29.98 18.44 4.25
CA LEU A 276 -31.31 18.96 3.93
C LEU A 276 -32.37 17.93 4.34
N LYS A 277 -33.42 18.42 5.00
CA LYS A 277 -34.58 17.60 5.34
C LYS A 277 -35.83 18.48 5.26
N GLY A 278 -36.64 18.22 4.24
CA GLY A 278 -37.78 19.08 3.92
C GLY A 278 -37.28 20.47 3.61
N ARG A 279 -37.64 21.42 4.46
CA ARG A 279 -37.22 22.82 4.31
C ARG A 279 -36.02 23.15 5.22
N GLU A 280 -35.70 22.25 6.15
CA GLU A 280 -34.55 22.40 7.04
C GLU A 280 -33.22 22.37 6.27
N ARG A 281 -32.30 23.27 6.60
CA ARG A 281 -30.95 23.24 6.02
C ARG A 281 -29.91 23.38 7.13
N TYR A 282 -28.96 22.44 7.19
CA TYR A 282 -27.88 22.53 8.17
C TYR A 282 -26.52 22.57 7.50
N TYR A 283 -25.85 23.73 7.61
CA TYR A 283 -24.55 23.94 6.98
C TYR A 283 -23.42 23.58 7.94
N VAL A 284 -22.46 22.79 7.46
CA VAL A 284 -21.30 22.39 8.24
C VAL A 284 -20.00 22.69 7.50
N ASN A 285 -19.04 23.28 8.22
CA ASN A 285 -17.75 23.67 7.66
C ASN A 285 -16.80 22.49 7.52
N ALA A 286 -15.91 22.58 6.53
CA ALA A 286 -14.80 21.65 6.38
C ALA A 286 -13.84 21.87 7.53
N ILE A 287 -13.18 20.81 7.99
CA ILE A 287 -12.15 20.97 9.01
C ILE A 287 -10.90 21.57 8.39
N ARG A 288 -10.06 22.18 9.22
CA ARG A 288 -8.76 22.68 8.83
C ARG A 288 -7.86 21.50 8.49
N ILE A 289 -7.16 21.63 7.37
CA ILE A 289 -6.36 20.57 6.77
C ILE A 289 -4.91 21.04 6.69
N ARG A 290 -3.97 20.11 6.86
CA ARG A 290 -2.55 20.41 6.64
C ARG A 290 -2.28 20.54 5.15
N GLU A 291 -2.73 19.55 4.38
CA GLU A 291 -2.47 19.46 2.96
C GLU A 291 -3.37 18.37 2.38
N VAL A 292 -3.89 18.60 1.17
CA VAL A 292 -4.60 17.55 0.46
C VAL A 292 -3.56 16.64 -0.15
N VAL A 293 -3.41 15.46 0.43
CA VAL A 293 -2.45 14.47 -0.04
C VAL A 293 -3.11 13.64 -1.16
N ASP A 294 -4.34 13.21 -0.91
CA ASP A 294 -5.04 12.31 -1.80
C ASP A 294 -6.51 12.29 -1.42
N THR A 295 -7.36 12.80 -2.30
CA THR A 295 -8.81 12.88 -2.04
C THR A 295 -9.56 11.54 -2.06
N THR A 296 -8.88 10.44 -2.38
CA THR A 296 -9.54 9.12 -2.46
C THR A 296 -10.22 8.78 -1.13
N GLY A 297 -11.51 8.47 -1.21
CA GLY A 297 -12.29 8.10 -0.04
C GLY A 297 -12.96 9.27 0.72
N ALA A 298 -12.77 10.51 0.28
CA ALA A 298 -13.37 11.67 1.01
C ALA A 298 -14.87 11.51 1.20
N GLY A 299 -15.59 11.32 0.11
CA GLY A 299 -17.03 11.10 0.15
C GLY A 299 -17.42 9.85 0.92
N ASP A 300 -16.69 8.77 0.73
CA ASP A 300 -16.93 7.52 1.47
C ASP A 300 -16.91 7.74 2.98
N LEU A 301 -15.89 8.45 3.45
CA LEU A 301 -15.69 8.66 4.88
C LEU A 301 -16.61 9.75 5.43
N PHE A 302 -16.97 10.72 4.60
CA PHE A 302 -18.09 11.61 4.96
C PHE A 302 -19.35 10.80 5.32
N ALA A 303 -19.71 9.85 4.46
CA ALA A 303 -20.82 8.95 4.73
C ALA A 303 -20.61 8.11 6.01
N SER A 304 -19.38 7.64 6.25
CA SER A 304 -19.06 6.94 7.50
C SER A 304 -19.42 7.78 8.73
N GLY A 305 -18.91 9.02 8.75
CA GLY A 305 -19.11 9.92 9.87
C GLY A 305 -20.58 10.24 10.04
N PHE A 306 -21.24 10.53 8.92
CA PHE A 306 -22.66 10.90 8.93
C PHE A 306 -23.51 9.74 9.43
N LEU A 307 -23.28 8.54 8.89
CA LEU A 307 -24.12 7.40 9.21
C LEU A 307 -23.88 6.90 10.64
N TYR A 308 -22.67 7.14 11.15
CA TYR A 308 -22.31 6.81 12.53
C TYR A 308 -23.12 7.69 13.45
N GLY A 309 -22.97 9.00 13.28
CA GLY A 309 -23.76 9.96 14.04
C GLY A 309 -25.24 9.62 13.97
N TYR A 310 -25.72 9.34 12.75
CA TYR A 310 -27.15 9.11 12.51
C TYR A 310 -27.72 7.92 13.28
N THR A 311 -27.00 6.82 13.26
CA THR A 311 -27.39 5.61 13.97
C THR A 311 -27.11 5.68 15.48
N GLN A 312 -26.41 6.74 15.91
CA GLN A 312 -26.18 6.98 17.33
C GLN A 312 -27.20 7.98 17.90
N GLY A 313 -28.11 8.44 17.04
CA GLY A 313 -29.18 9.35 17.47
C GLY A 313 -28.80 10.82 17.52
N ARG A 314 -27.67 11.15 16.91
CA ARG A 314 -27.18 12.53 16.88
C ARG A 314 -28.02 13.43 15.98
N SER A 315 -27.96 14.73 16.22
CA SER A 315 -28.61 15.71 15.36
C SER A 315 -28.02 15.66 13.95
N LEU A 316 -28.81 16.06 12.96
CA LEU A 316 -28.33 16.12 11.57
C LEU A 316 -27.08 17.00 11.42
N GLU A 317 -27.04 18.13 12.14
CA GLU A 317 -25.84 18.96 12.14
C GLU A 317 -24.62 18.17 12.64
N ASP A 318 -24.75 17.55 13.81
CA ASP A 318 -23.68 16.70 14.36
C ASP A 318 -23.29 15.52 13.47
N CYS A 319 -24.26 15.01 12.70
CA CYS A 319 -23.94 14.02 11.66
C CYS A 319 -23.03 14.66 10.60
N GLY A 320 -23.37 15.86 10.17
CA GLY A 320 -22.56 16.62 9.22
C GLY A 320 -21.14 16.84 9.71
N LYS A 321 -21.02 17.24 10.98
CA LYS A 321 -19.71 17.52 11.58
C LYS A 321 -18.86 16.25 11.64
N LEU A 322 -19.47 15.16 12.07
CA LEU A 322 -18.78 13.87 12.11
C LEU A 322 -18.31 13.45 10.73
N GLY A 323 -19.15 13.64 9.70
CA GLY A 323 -18.77 13.46 8.30
C GLY A 323 -17.59 14.29 7.82
N CYS A 324 -17.64 15.60 8.06
CA CYS A 324 -16.53 16.47 7.65
C CYS A 324 -15.21 16.10 8.34
N LEU A 325 -15.32 15.60 9.57
CA LEU A 325 -14.17 15.18 10.35
C LEU A 325 -13.50 13.96 9.71
N ALA A 326 -14.29 12.89 9.53
CA ALA A 326 -13.77 11.69 8.86
C ALA A 326 -13.23 11.99 7.46
N ALA A 327 -13.99 12.75 6.67
CA ALA A 327 -13.52 13.16 5.34
C ALA A 327 -12.19 13.94 5.37
N GLY A 328 -12.11 14.93 6.25
CA GLY A 328 -10.91 15.72 6.45
C GLY A 328 -9.68 14.91 6.78
N ILE A 329 -9.85 13.87 7.61
CA ILE A 329 -8.76 13.00 8.02
C ILE A 329 -8.30 12.12 6.85
N VAL A 330 -9.24 11.49 6.14
CA VAL A 330 -8.83 10.60 5.05
C VAL A 330 -8.04 11.30 3.93
N ILE A 331 -8.38 12.56 3.63
CA ILE A 331 -7.73 13.23 2.49
C ILE A 331 -6.28 13.68 2.74
N GLN A 332 -5.86 13.58 4.00
CA GLN A 332 -4.52 13.95 4.42
C GLN A 332 -3.57 12.76 4.45
N GLN A 333 -4.00 11.64 3.87
CA GLN A 333 -3.17 10.44 3.78
C GLN A 333 -3.33 9.79 2.41
N ILE A 334 -2.33 8.99 2.02
CA ILE A 334 -2.48 8.15 0.84
C ILE A 334 -3.35 6.95 1.22
N GLY A 335 -4.30 6.59 0.35
CA GLY A 335 -5.15 5.42 0.60
C GLY A 335 -6.53 5.79 1.16
N PRO A 336 -7.54 4.93 0.93
CA PRO A 336 -8.95 5.30 1.11
C PRO A 336 -9.56 5.06 2.50
N ARG A 337 -8.85 4.38 3.38
CA ARG A 337 -9.34 3.99 4.67
C ARG A 337 -8.36 4.54 5.69
N PRO A 338 -8.84 5.43 6.59
CA PRO A 338 -7.99 6.06 7.60
C PRO A 338 -7.17 5.05 8.39
N MSE A 339 -5.88 5.33 8.53
CA MSE A 339 -4.94 4.44 9.22
C MSE A 339 -4.80 4.84 10.66
O MSE A 339 -4.00 4.27 11.42
CB MSE A 339 -3.59 4.49 8.51
CG MSE A 339 -3.71 4.24 7.02
SE MSE A 339 -1.89 4.39 6.28
CE MSE A 339 -1.90 6.29 5.75
N THR A 340 -5.58 5.85 11.06
CA THR A 340 -5.59 6.35 12.43
C THR A 340 -7.00 6.19 13.01
N SER A 341 -7.10 6.24 14.33
CA SER A 341 -8.38 6.07 15.03
C SER A 341 -9.28 7.28 14.87
N LEU A 342 -10.38 7.08 14.14
CA LEU A 342 -11.40 8.11 13.95
C LEU A 342 -12.11 8.44 15.26
N SER A 343 -12.33 7.42 16.10
CA SER A 343 -13.03 7.63 17.36
C SER A 343 -12.22 8.55 18.28
N GLU A 344 -10.90 8.31 18.34
CA GLU A 344 -9.98 9.19 19.06
C GLU A 344 -10.05 10.64 18.59
N ALA A 345 -10.04 10.84 17.28
CA ALA A 345 -10.11 12.18 16.68
C ALA A 345 -11.44 12.85 17.01
N ALA A 346 -12.52 12.09 16.91
CA ALA A 346 -13.86 12.56 17.25
C ALA A 346 -13.94 12.94 18.72
N LYS A 347 -13.29 12.14 19.57
CA LYS A 347 -13.21 12.46 20.99
C LYS A 347 -12.43 13.75 21.21
N GLN A 348 -11.32 13.90 20.52
CA GLN A 348 -10.50 15.09 20.59
C GLN A 348 -11.19 16.33 20.02
N ALA A 349 -11.99 16.14 18.97
CA ALA A 349 -12.68 17.23 18.27
C ALA A 349 -13.92 17.77 18.99
N GLY A 350 -14.30 17.10 20.08
CA GLY A 350 -15.45 17.54 20.90
C GLY A 350 -16.78 17.03 20.37
N LEU A 351 -16.70 16.09 19.43
CA LEU A 351 -17.87 15.46 18.82
C LEU A 351 -18.20 14.11 19.44
N ILE A 352 -17.19 13.48 20.06
CA ILE A 352 -17.30 12.17 20.72
C ILE A 352 -18.03 11.13 19.86
N MSE B 23 31.43 1.68 -22.04
CA MSE B 23 30.02 1.70 -21.54
C MSE B 23 29.64 0.32 -21.10
O MSE B 23 29.91 -0.66 -21.80
CB MSE B 23 29.04 2.06 -22.65
CG MSE B 23 29.41 3.29 -23.45
SE MSE B 23 27.83 3.66 -24.57
CE MSE B 23 28.24 5.57 -24.94
N THR B 24 29.00 0.23 -19.95
CA THR B 24 28.46 -1.05 -19.47
C THR B 24 26.95 -0.92 -19.30
N ARG B 25 26.23 -1.99 -19.58
CA ARG B 25 24.78 -2.00 -19.47
C ARG B 25 24.25 -1.64 -18.09
N PHE B 26 24.92 -2.09 -17.04
CA PHE B 26 24.41 -1.89 -15.67
C PHE B 26 25.45 -1.32 -14.70
N ASP B 27 25.01 -0.41 -13.85
CA ASP B 27 25.83 0.02 -12.73
C ASP B 27 25.74 -1.00 -11.61
N VAL B 28 24.51 -1.44 -11.29
CA VAL B 28 24.27 -2.31 -10.14
C VAL B 28 23.28 -3.40 -10.49
N LEU B 29 23.71 -4.63 -10.30
CA LEU B 29 22.80 -5.76 -10.27
C LEU B 29 22.64 -6.16 -8.82
N THR B 30 21.40 -6.32 -8.38
CA THR B 30 21.19 -6.87 -7.06
C THR B 30 20.50 -8.21 -7.17
N VAL B 31 20.69 -9.04 -6.16
CA VAL B 31 20.07 -10.36 -6.10
C VAL B 31 19.52 -10.58 -4.71
N GLY B 32 18.25 -10.95 -4.64
CA GLY B 32 17.63 -11.16 -3.33
C GLY B 32 16.36 -11.98 -3.38
N ASN B 33 15.78 -12.17 -2.19
CA ASN B 33 14.45 -12.73 -2.04
C ASN B 33 13.38 -11.77 -2.54
N ALA B 34 12.65 -12.17 -3.57
CA ALA B 34 11.60 -11.29 -4.11
C ALA B 34 10.34 -11.40 -3.26
N ILE B 35 9.97 -10.28 -2.64
CA ILE B 35 8.96 -10.30 -1.57
C ILE B 35 7.97 -9.16 -1.76
N VAL B 36 6.69 -9.43 -1.54
CA VAL B 36 5.71 -8.34 -1.35
C VAL B 36 5.45 -8.10 0.14
N ASP B 37 5.51 -6.83 0.58
CA ASP B 37 5.29 -6.52 1.98
C ASP B 37 3.82 -6.30 2.23
N ILE B 38 3.41 -6.74 3.42
CA ILE B 38 2.09 -6.53 3.99
C ILE B 38 2.31 -5.80 5.31
N ILE B 39 1.89 -4.54 5.36
CA ILE B 39 2.34 -3.60 6.41
C ILE B 39 1.19 -3.14 7.31
N SER B 40 1.39 -3.24 8.62
CA SER B 40 0.42 -2.73 9.60
C SER B 40 1.12 -2.12 10.82
N ARG B 41 0.43 -1.25 11.55
CA ARG B 41 0.95 -0.69 12.80
C ARG B 41 0.49 -1.61 13.89
N CYS B 42 1.27 -1.78 14.94
CA CYS B 42 0.87 -2.54 16.12
C CYS B 42 1.34 -1.87 17.41
N ASN B 43 0.81 -2.31 18.55
CA ASN B 43 1.34 -1.87 19.83
C ASN B 43 2.46 -2.80 20.30
N ASP B 44 3.19 -2.36 21.33
CA ASP B 44 4.33 -3.12 21.85
C ASP B 44 3.94 -4.52 22.33
N GLN B 45 2.78 -4.62 22.97
CA GLN B 45 2.29 -5.89 23.51
C GLN B 45 2.03 -6.93 22.41
N PHE B 46 1.71 -6.48 21.20
CA PHE B 46 1.41 -7.41 20.11
C PHE B 46 2.61 -8.29 19.77
N LEU B 47 3.79 -7.71 19.75
CA LEU B 47 5.02 -8.46 19.43
C LEU B 47 5.30 -9.50 20.52
N ILE B 48 5.13 -9.10 21.77
CA ILE B 48 5.31 -9.99 22.92
C ILE B 48 4.30 -11.14 22.87
N ASP B 49 3.02 -10.82 22.69
CA ASP B 49 1.98 -11.85 22.62
C ASP B 49 2.20 -12.90 21.54
N ASN B 50 2.82 -12.49 20.45
CA ASN B 50 3.00 -13.37 19.32
C ASN B 50 4.43 -13.84 19.15
N GLN B 51 5.22 -13.59 20.19
CA GLN B 51 6.64 -13.97 20.26
C GLN B 51 7.41 -13.59 18.98
N ILE B 52 7.16 -12.36 18.52
CA ILE B 52 7.81 -11.80 17.33
C ILE B 52 9.06 -11.08 17.83
N THR B 53 10.23 -11.45 17.31
CA THR B 53 11.47 -10.73 17.71
C THR B 53 11.48 -9.34 17.10
N LYS B 54 11.49 -8.32 17.98
CA LYS B 54 11.39 -6.94 17.52
C LYS B 54 12.62 -6.54 16.72
N ALA B 55 12.39 -5.79 15.65
CA ALA B 55 13.43 -5.21 14.78
C ALA B 55 14.14 -6.25 13.93
N ALA B 56 13.62 -7.47 13.94
CA ALA B 56 14.28 -8.58 13.25
C ALA B 56 13.46 -9.15 12.08
N MSE B 57 14.14 -9.92 11.24
CA MSE B 57 13.49 -10.74 10.21
C MSE B 57 13.25 -12.08 10.82
O MSE B 57 14.21 -12.81 11.17
CB MSE B 57 14.44 -10.80 9.00
CG MSE B 57 13.69 -11.11 7.72
SE MSE B 57 13.32 -13.05 7.70
CE MSE B 57 15.16 -13.73 7.55
N ASN B 58 11.96 -12.42 10.96
CA ASN B 58 11.49 -13.66 11.57
C ASN B 58 10.99 -14.55 10.45
N LEU B 59 11.69 -15.66 10.18
CA LEU B 59 11.18 -16.61 9.19
C LEU B 59 9.97 -17.39 9.70
N ILE B 60 9.00 -17.60 8.82
CA ILE B 60 7.77 -18.32 9.17
C ILE B 60 7.33 -19.31 8.09
N ASP B 61 6.66 -20.38 8.52
CA ASP B 61 6.05 -21.28 7.55
C ASP B 61 4.63 -20.84 7.14
N ALA B 62 4.03 -21.58 6.20
CA ALA B 62 2.73 -21.24 5.65
C ALA B 62 1.67 -21.17 6.75
N GLU B 63 1.70 -22.15 7.66
CA GLU B 63 0.75 -22.20 8.77
C GLU B 63 0.86 -20.96 9.68
N ARG B 64 2.09 -20.62 10.09
CA ARG B 64 2.32 -19.42 10.92
C ARG B 64 1.92 -18.13 10.18
N ALA B 65 2.17 -18.09 8.87
CA ALA B 65 1.75 -16.95 8.04
C ALA B 65 0.24 -16.74 8.14
N GLU B 66 -0.55 -17.80 7.94
CA GLU B 66 -2.02 -17.71 8.07
C GLU B 66 -2.42 -17.22 9.46
N LEU B 67 -1.78 -17.78 10.47
CA LEU B 67 -2.06 -17.46 11.88
C LEU B 67 -1.77 -15.99 12.18
N LEU B 68 -0.59 -15.52 11.80
CA LEU B 68 -0.25 -14.11 12.02
C LEU B 68 -1.17 -13.14 11.27
N TYR B 69 -1.49 -13.48 10.03
CA TYR B 69 -2.37 -12.66 9.22
C TYR B 69 -3.73 -12.52 9.86
N SER B 70 -4.22 -13.62 10.45
CA SER B 70 -5.53 -13.60 11.10
C SER B 70 -5.57 -12.61 12.27
N ARG B 71 -4.41 -12.38 12.86
CA ARG B 71 -4.30 -11.49 14.03
C ARG B 71 -3.93 -10.05 13.66
N MSE B 72 -3.52 -9.84 12.41
CA MSE B 72 -3.07 -8.54 11.92
C MSE B 72 -4.22 -7.64 11.61
O MSE B 72 -5.28 -8.08 11.13
CB MSE B 72 -2.32 -8.79 10.63
CG MSE B 72 -1.76 -7.51 10.04
SE MSE B 72 -0.58 -8.10 8.59
CE MSE B 72 0.90 -6.85 8.90
N GLY B 73 -4.05 -6.35 11.86
CA GLY B 73 -5.04 -5.38 11.46
C GLY B 73 -5.09 -5.14 9.95
N PRO B 74 -5.95 -4.21 9.52
CA PRO B 74 -6.00 -3.74 8.13
C PRO B 74 -4.61 -3.34 7.70
N ALA B 75 -4.23 -3.76 6.51
CA ALA B 75 -2.85 -3.65 6.06
C ALA B 75 -2.75 -2.94 4.73
N LEU B 76 -1.51 -2.65 4.32
CA LEU B 76 -1.22 -2.02 3.04
C LEU B 76 -0.16 -2.90 2.39
N GLU B 77 -0.19 -3.02 1.08
CA GLU B 77 0.80 -3.85 0.40
C GLU B 77 1.68 -3.00 -0.48
N ALA B 78 2.96 -3.37 -0.53
CA ALA B 78 3.90 -2.67 -1.38
C ALA B 78 5.02 -3.63 -1.67
N SER B 79 5.53 -3.60 -2.89
CA SER B 79 6.70 -4.40 -3.25
C SER B 79 7.90 -4.17 -2.32
N GLY B 80 8.52 -5.26 -1.88
CA GLY B 80 9.65 -5.23 -0.97
C GLY B 80 10.81 -6.06 -1.47
N GLY B 81 11.43 -6.81 -0.57
CA GLY B 81 12.67 -7.55 -0.83
C GLY B 81 13.83 -6.59 -0.63
N SER B 82 14.73 -6.92 0.28
CA SER B 82 15.82 -5.99 0.59
CA SER B 82 15.84 -6.01 0.60
C SER B 82 16.60 -5.55 -0.65
N ALA B 83 17.12 -6.50 -1.43
CA ALA B 83 17.80 -6.18 -2.68
C ALA B 83 16.93 -5.56 -3.77
N GLY B 84 15.66 -5.98 -3.86
CA GLY B 84 14.71 -5.35 -4.78
C GLY B 84 14.61 -3.86 -4.49
N ASN B 85 14.49 -3.54 -3.20
CA ASN B 85 14.43 -2.13 -2.73
C ASN B 85 15.69 -1.36 -3.11
N THR B 86 16.85 -1.98 -2.90
CA THR B 86 18.14 -1.36 -3.23
C THR B 86 18.24 -1.09 -4.74
N ALA B 87 17.87 -2.08 -5.59
CA ALA B 87 17.81 -1.88 -7.02
C ALA B 87 16.90 -0.70 -7.41
N ALA B 88 15.71 -0.67 -6.80
CA ALA B 88 14.75 0.38 -7.11
C ALA B 88 15.35 1.74 -6.76
N GLY B 89 16.05 1.80 -5.64
CA GLY B 89 16.70 3.05 -5.21
C GLY B 89 17.81 3.53 -6.13
N VAL B 90 18.61 2.59 -6.64
CA VAL B 90 19.61 2.93 -7.64
C VAL B 90 18.99 3.54 -8.91
N ALA B 91 17.96 2.90 -9.43
CA ALA B 91 17.23 3.41 -10.55
C ALA B 91 16.62 4.82 -10.28
N ASN B 92 16.03 5.01 -9.10
CA ASN B 92 15.39 6.28 -8.72
C ASN B 92 16.42 7.43 -8.73
N LEU B 93 17.61 7.16 -8.20
CA LEU B 93 18.72 8.12 -8.21
C LEU B 93 19.24 8.40 -9.64
N GLY B 94 18.93 7.52 -10.60
CA GLY B 94 19.31 7.71 -12.01
C GLY B 94 20.35 6.74 -12.56
N GLY B 95 20.77 5.80 -11.72
CA GLY B 95 21.69 4.73 -12.09
C GLY B 95 20.98 3.63 -12.87
N LYS B 96 21.75 2.72 -13.47
CA LYS B 96 21.18 1.65 -14.27
C LYS B 96 21.24 0.41 -13.45
N ALA B 97 20.08 -0.17 -13.14
CA ALA B 97 20.03 -1.29 -12.22
C ALA B 97 19.35 -2.53 -12.85
N ALA B 98 19.73 -3.70 -12.35
CA ALA B 98 19.10 -4.97 -12.71
C ALA B 98 18.85 -5.78 -11.46
N TYR B 99 17.96 -6.77 -11.53
CA TYR B 99 17.63 -7.52 -10.35
C TYR B 99 17.43 -8.95 -10.74
N PHE B 100 17.95 -9.88 -9.93
CA PHE B 100 17.48 -11.29 -9.94
C PHE B 100 16.72 -11.68 -8.67
N GLY B 101 15.55 -12.29 -8.85
CA GLY B 101 14.82 -12.83 -7.70
C GLY B 101 13.58 -13.55 -8.22
N ASN B 102 13.13 -14.55 -7.49
CA ASN B 102 12.08 -15.44 -7.99
C ASN B 102 10.72 -15.28 -7.32
N VAL B 103 9.72 -14.93 -8.14
CA VAL B 103 8.31 -14.89 -7.72
C VAL B 103 7.53 -16.04 -8.34
N ALA B 104 6.29 -16.22 -7.89
CA ALA B 104 5.40 -17.22 -8.52
C ALA B 104 4.54 -16.57 -9.60
N ALA B 105 3.89 -17.40 -10.41
CA ALA B 105 2.96 -16.91 -11.43
C ALA B 105 1.61 -16.68 -10.74
N ASP B 106 1.53 -15.59 -10.01
CA ASP B 106 0.31 -15.27 -9.25
C ASP B 106 0.17 -13.74 -9.16
N GLN B 107 -0.89 -13.27 -8.51
CA GLN B 107 -1.16 -11.83 -8.49
C GLN B 107 -0.10 -11.03 -7.74
N LEU B 108 0.36 -11.55 -6.61
CA LEU B 108 1.46 -10.95 -5.85
C LEU B 108 2.75 -10.89 -6.68
N GLY B 109 3.04 -11.97 -7.40
CA GLY B 109 4.15 -11.98 -8.35
C GLY B 109 4.03 -10.98 -9.48
N ASP B 110 2.82 -10.80 -10.00
CA ASP B 110 2.56 -9.81 -11.04
C ASP B 110 2.79 -8.39 -10.49
N ILE B 111 2.35 -8.17 -9.24
CA ILE B 111 2.60 -6.88 -8.55
C ILE B 111 4.10 -6.61 -8.42
N PHE B 112 4.85 -7.56 -7.87
CA PHE B 112 6.30 -7.40 -7.73
C PHE B 112 6.95 -7.11 -9.09
N THR B 113 6.58 -7.88 -10.10
CA THR B 113 7.16 -7.70 -11.43
C THR B 113 6.89 -6.30 -11.97
N HIS B 114 5.65 -5.84 -11.79
CA HIS B 114 5.27 -4.54 -12.28
C HIS B 114 6.10 -3.46 -11.64
N ASP B 115 6.14 -3.47 -10.32
CA ASP B 115 6.74 -2.36 -9.57
C ASP B 115 8.22 -2.16 -9.85
N ILE B 116 8.97 -3.26 -9.85
CA ILE B 116 10.42 -3.17 -10.07
C ILE B 116 10.73 -2.77 -11.52
N ARG B 117 9.99 -3.33 -12.49
CA ARG B 117 10.14 -2.95 -13.90
C ARG B 117 9.70 -1.49 -14.17
N ALA B 118 8.67 -1.05 -13.46
CA ALA B 118 8.11 0.28 -13.65
C ALA B 118 9.08 1.36 -13.17
N GLN B 119 9.91 0.99 -12.20
CA GLN B 119 10.98 1.86 -11.70
C GLN B 119 12.19 1.94 -12.65
N GLY B 120 12.22 1.11 -13.70
CA GLY B 120 13.30 1.13 -14.69
C GLY B 120 14.43 0.15 -14.40
N VAL B 121 14.17 -0.80 -13.50
CA VAL B 121 15.10 -1.92 -13.20
C VAL B 121 14.86 -3.06 -14.20
N HIS B 122 15.94 -3.60 -14.77
CA HIS B 122 15.89 -4.79 -15.63
C HIS B 122 15.57 -5.99 -14.75
N TYR B 123 14.43 -6.64 -15.00
CA TYR B 123 13.99 -7.76 -14.20
C TYR B 123 13.36 -8.79 -15.12
N GLN B 124 14.10 -9.89 -15.30
CA GLN B 124 13.76 -10.90 -16.30
CA GLN B 124 13.74 -10.89 -16.30
C GLN B 124 13.70 -12.32 -15.75
N THR B 125 13.77 -12.47 -14.43
CA THR B 125 13.66 -13.80 -13.81
C THR B 125 12.25 -14.38 -14.02
N LYS B 126 12.21 -15.59 -14.56
CA LYS B 126 10.94 -16.22 -14.96
C LYS B 126 10.32 -16.99 -13.79
N PRO B 127 9.01 -16.81 -13.53
CA PRO B 127 8.37 -17.64 -12.51
C PRO B 127 8.34 -19.10 -12.96
N LYS B 128 8.40 -20.05 -12.01
CA LYS B 128 8.48 -21.49 -12.36
C LYS B 128 7.15 -22.23 -12.18
N GLY B 129 6.16 -21.51 -11.71
CA GLY B 129 4.85 -22.08 -11.42
C GLY B 129 4.11 -21.20 -10.42
N ALA B 130 2.96 -21.69 -9.96
CA ALA B 130 2.11 -20.94 -9.04
C ALA B 130 2.32 -21.33 -7.57
N PHE B 131 2.95 -22.48 -7.33
CA PHE B 131 3.28 -22.96 -5.99
C PHE B 131 4.74 -23.42 -5.93
N PRO B 132 5.48 -23.03 -4.86
CA PRO B 132 4.99 -22.16 -3.77
C PRO B 132 4.60 -20.78 -4.28
N PRO B 133 3.68 -20.08 -3.56
CA PRO B 133 3.26 -18.78 -4.04
C PRO B 133 4.34 -17.74 -3.76
N THR B 134 4.16 -16.56 -4.34
CA THR B 134 5.12 -15.45 -4.16
C THR B 134 5.36 -15.12 -2.68
N ALA B 135 6.63 -14.92 -2.30
CA ALA B 135 6.97 -14.56 -0.90
C ALA B 135 6.22 -13.31 -0.46
N ARG B 136 5.86 -13.28 0.81
CA ARG B 136 5.33 -12.10 1.47
C ARG B 136 5.89 -11.97 2.89
N SER B 137 6.02 -10.72 3.36
CA SER B 137 6.48 -10.46 4.70
C SER B 137 5.45 -9.57 5.37
N MSE B 138 4.95 -10.03 6.52
CA MSE B 138 4.05 -9.20 7.35
C MSE B 138 4.97 -8.40 8.24
O MSE B 138 5.63 -8.94 9.15
CB MSE B 138 3.08 -10.05 8.11
CG MSE B 138 2.05 -10.57 7.13
SE MSE B 138 1.01 -11.91 8.10
CE MSE B 138 2.22 -13.44 7.82
N ILE B 139 4.96 -7.09 7.99
CA ILE B 139 5.83 -6.15 8.68
C ILE B 139 4.96 -5.34 9.63
N PHE B 140 5.31 -5.41 10.92
CA PHE B 140 4.59 -4.70 11.99
C PHE B 140 5.42 -3.52 12.47
N VAL B 141 4.84 -2.33 12.34
CA VAL B 141 5.56 -1.09 12.67
C VAL B 141 5.03 -0.56 14.02
N THR B 142 5.93 -0.47 15.00
CA THR B 142 5.58 -0.05 16.36
C THR B 142 5.63 1.47 16.42
N GLU B 143 5.15 2.05 17.53
CA GLU B 143 5.03 3.52 17.69
C GLU B 143 6.36 4.25 17.54
N ASP B 144 7.45 3.59 17.92
CA ASP B 144 8.79 4.14 17.77
C ASP B 144 9.30 4.11 16.31
N GLY B 145 8.52 3.51 15.41
CA GLY B 145 8.85 3.49 13.99
C GLY B 145 9.69 2.29 13.61
N GLU B 146 10.05 1.49 14.60
CA GLU B 146 10.76 0.23 14.34
C GLU B 146 9.88 -0.76 13.59
N ARG B 147 10.52 -1.62 12.80
CA ARG B 147 9.81 -2.65 12.02
CA ARG B 147 9.82 -2.62 11.99
C ARG B 147 10.24 -4.12 12.31
N SER B 148 9.22 -4.95 12.39
CA SER B 148 9.45 -6.33 12.77
C SER B 148 8.80 -7.19 11.71
N MSE B 149 9.64 -7.94 10.99
CA MSE B 149 9.21 -8.59 9.75
C MSE B 149 9.04 -10.08 9.96
O MSE B 149 9.75 -10.71 10.74
CB MSE B 149 10.22 -8.29 8.64
CG MSE B 149 10.62 -6.83 8.65
SE MSE B 149 11.57 -6.53 6.97
CE MSE B 149 13.17 -7.64 7.26
N ASN B 150 8.04 -10.63 9.26
CA ASN B 150 7.62 -12.01 9.44
C ASN B 150 7.40 -12.59 8.07
N THR B 151 8.39 -13.35 7.62
CA THR B 151 8.57 -13.61 6.20
C THR B 151 8.35 -15.07 5.81
N TYR B 152 7.34 -15.28 4.98
CA TYR B 152 7.16 -16.59 4.36
C TYR B 152 7.85 -16.55 3.00
N LEU B 153 8.92 -17.33 2.86
CA LEU B 153 9.74 -17.31 1.64
C LEU B 153 9.09 -17.80 0.33
N GLY B 154 8.11 -18.70 0.43
CA GLY B 154 7.36 -19.10 -0.76
C GLY B 154 8.27 -19.40 -1.94
N ALA B 155 7.99 -18.78 -3.09
CA ALA B 155 8.71 -19.04 -4.33
C ALA B 155 10.20 -18.67 -4.30
N CYS B 156 10.63 -17.88 -3.32
CA CYS B 156 12.06 -17.60 -3.15
C CYS B 156 12.92 -18.84 -3.02
N VAL B 157 12.34 -19.92 -2.49
CA VAL B 157 13.10 -21.16 -2.27
C VAL B 157 13.55 -21.80 -3.58
N GLU B 158 12.96 -21.37 -4.71
CA GLU B 158 13.29 -21.95 -6.01
C GLU B 158 14.39 -21.23 -6.80
N LEU B 159 14.88 -20.11 -6.28
CA LEU B 159 15.94 -19.39 -6.96
C LEU B 159 17.22 -20.21 -6.94
N GLY B 160 17.85 -20.31 -8.11
CA GLY B 160 19.03 -21.16 -8.26
C GLY B 160 19.94 -20.72 -9.39
N PRO B 161 21.03 -21.48 -9.64
CA PRO B 161 21.95 -21.20 -10.75
C PRO B 161 21.26 -20.92 -12.09
N GLU B 162 20.13 -21.58 -12.34
CA GLU B 162 19.36 -21.40 -13.58
C GLU B 162 18.81 -19.97 -13.77
N ASP B 163 18.85 -19.16 -12.71
CA ASP B 163 18.34 -17.81 -12.74
C ASP B 163 19.43 -16.76 -12.92
N VAL B 164 20.67 -17.22 -13.04
CA VAL B 164 21.79 -16.31 -13.27
C VAL B 164 21.83 -15.96 -14.77
N GLU B 165 21.58 -14.69 -15.10
CA GLU B 165 21.71 -14.19 -16.46
C GLU B 165 23.15 -13.79 -16.57
N ALA B 166 23.97 -14.68 -17.13
CA ALA B 166 25.42 -14.51 -17.19
C ALA B 166 25.84 -13.18 -17.80
N ASP B 167 25.17 -12.79 -18.88
CA ASP B 167 25.47 -11.53 -19.59
C ASP B 167 25.21 -10.32 -18.70
N VAL B 168 24.19 -10.41 -17.86
CA VAL B 168 23.88 -9.31 -16.94
C VAL B 168 24.97 -9.09 -15.89
N VAL B 169 25.39 -10.17 -15.21
CA VAL B 169 26.51 -10.15 -14.27
C VAL B 169 27.79 -9.62 -14.95
N ALA B 170 28.13 -10.21 -16.09
CA ALA B 170 29.29 -9.76 -16.89
C ALA B 170 29.27 -8.25 -17.22
N ASP B 171 28.06 -7.69 -17.34
CA ASP B 171 27.86 -6.31 -17.80
C ASP B 171 27.43 -5.32 -16.68
N ALA B 172 27.60 -5.76 -15.42
CA ALA B 172 27.30 -4.91 -14.23
C ALA B 172 28.54 -4.48 -13.41
N LYS B 173 28.68 -3.18 -13.23
CA LYS B 173 29.82 -2.70 -12.46
C LYS B 173 29.92 -3.35 -11.08
N VAL B 174 28.78 -3.44 -10.38
CA VAL B 174 28.70 -4.11 -9.07
C VAL B 174 27.52 -5.10 -9.08
N THR B 175 27.78 -6.33 -8.66
CA THR B 175 26.73 -7.24 -8.23
C THR B 175 26.66 -7.31 -6.70
N TYR B 176 25.47 -6.99 -6.19
CA TYR B 176 25.18 -6.89 -4.76
C TYR B 176 24.12 -7.92 -4.39
N PHE B 177 24.32 -8.60 -3.28
CA PHE B 177 23.39 -9.65 -2.82
C PHE B 177 23.10 -9.64 -1.32
N GLU B 178 21.95 -10.20 -0.94
CA GLU B 178 21.57 -10.33 0.48
C GLU B 178 22.17 -11.52 1.20
N GLY B 179 22.67 -11.23 2.39
CA GLY B 179 22.89 -12.24 3.43
C GLY B 179 21.67 -13.15 3.60
N TYR B 180 20.49 -12.55 3.51
CA TYR B 180 19.22 -13.28 3.54
C TYR B 180 19.13 -14.46 2.57
N LEU B 181 19.88 -14.39 1.48
CA LEU B 181 19.89 -15.49 0.50
C LEU B 181 20.45 -16.81 1.01
N TRP B 182 21.09 -16.80 2.18
CA TRP B 182 21.60 -18.05 2.77
C TRP B 182 20.52 -18.97 3.37
N ASP B 183 19.32 -18.45 3.56
CA ASP B 183 18.21 -19.21 4.12
C ASP B 183 17.57 -20.18 3.10
N PRO B 184 17.17 -19.68 1.90
CA PRO B 184 16.63 -20.65 0.94
C PRO B 184 17.75 -21.58 0.48
N PRO B 185 17.44 -22.78 -0.03
CA PRO B 185 18.52 -23.76 -0.14
C PRO B 185 19.55 -23.54 -1.24
N ARG B 186 19.09 -23.09 -2.40
CA ARG B 186 19.93 -23.12 -3.61
C ARG B 186 20.47 -21.76 -4.05
N ALA B 187 19.94 -20.69 -3.46
CA ALA B 187 20.37 -19.37 -3.86
C ALA B 187 21.87 -19.13 -3.79
N LYS B 188 22.54 -19.75 -2.80
CA LYS B 188 23.99 -19.58 -2.58
C LYS B 188 24.77 -20.07 -3.78
N GLU B 189 24.25 -21.10 -4.44
CA GLU B 189 24.87 -21.57 -5.67
C GLU B 189 24.81 -20.52 -6.77
N ALA B 190 23.67 -19.83 -6.91
CA ALA B 190 23.59 -18.74 -7.87
C ALA B 190 24.60 -17.65 -7.52
N ILE B 191 24.75 -17.37 -6.22
CA ILE B 191 25.68 -16.31 -5.80
C ILE B 191 27.14 -16.65 -6.12
N LEU B 192 27.56 -17.86 -5.78
CA LEU B 192 28.91 -18.32 -6.17
C LEU B 192 29.14 -18.22 -7.70
N ASP B 193 28.14 -18.55 -8.51
CA ASP B 193 28.19 -18.35 -9.96
C ASP B 193 28.35 -16.85 -10.33
N CYS B 194 27.54 -15.98 -9.72
CA CYS B 194 27.70 -14.55 -9.92
C CYS B 194 29.13 -14.08 -9.59
N ALA B 195 29.67 -14.55 -8.47
CA ALA B 195 30.98 -14.09 -8.00
C ALA B 195 32.07 -14.43 -9.01
N ARG B 196 32.01 -15.65 -9.54
CA ARG B 196 32.96 -16.13 -10.53
CA ARG B 196 32.95 -16.14 -10.55
C ARG B 196 32.88 -15.29 -11.82
N ILE B 197 31.66 -15.08 -12.33
CA ILE B 197 31.45 -14.29 -13.54
C ILE B 197 31.86 -12.82 -13.33
N ALA B 198 31.38 -12.21 -12.26
CA ALA B 198 31.73 -10.82 -11.94
C ALA B 198 33.25 -10.62 -11.95
N HIS B 199 33.95 -11.44 -11.17
CA HIS B 199 35.41 -11.32 -11.06
C HIS B 199 36.17 -11.67 -12.35
N GLN B 200 35.64 -12.60 -13.15
CA GLN B 200 36.24 -12.90 -14.45
C GLN B 200 36.16 -11.69 -15.41
N HIS B 201 35.13 -10.86 -15.20
CA HIS B 201 34.89 -9.69 -16.04
C HIS B 201 35.42 -8.40 -15.43
N GLY B 202 36.17 -8.55 -14.34
CA GLY B 202 36.79 -7.43 -13.61
C GLY B 202 35.81 -6.53 -12.86
N ARG B 203 34.66 -7.08 -12.48
CA ARG B 203 33.61 -6.33 -11.78
C ARG B 203 33.82 -6.49 -10.28
N GLU B 204 32.96 -5.84 -9.49
CA GLU B 204 33.04 -6.02 -8.04
C GLU B 204 31.77 -6.65 -7.46
N MSE B 205 31.96 -7.38 -6.37
CA MSE B 205 30.88 -8.09 -5.68
C MSE B 205 30.65 -7.43 -4.34
O MSE B 205 31.60 -7.08 -3.63
CB MSE B 205 31.30 -9.52 -5.39
CG MSE B 205 31.45 -10.39 -6.63
SE MSE B 205 29.66 -10.70 -7.40
CE MSE B 205 28.70 -11.38 -5.82
N SER B 206 29.39 -7.30 -3.98
CA SER B 206 29.04 -6.68 -2.70
C SER B 206 27.99 -7.52 -1.99
N MSE B 207 28.03 -7.54 -0.66
CA MSE B 207 26.94 -8.14 0.12
C MSE B 207 26.50 -7.25 1.26
O MSE B 207 27.26 -6.41 1.73
CB MSE B 207 27.30 -9.51 0.68
CG MSE B 207 27.95 -9.45 2.05
SE MSE B 207 28.36 -11.31 2.50
CE MSE B 207 26.55 -11.85 3.05
N THR B 208 25.28 -7.45 1.72
CA THR B 208 24.85 -6.93 2.99
C THR B 208 24.68 -8.07 3.97
N LEU B 209 25.02 -7.81 5.23
CA LEU B 209 24.85 -8.79 6.32
C LEU B 209 23.37 -9.01 6.70
N SER B 210 22.50 -8.11 6.21
CA SER B 210 21.03 -8.25 6.22
C SER B 210 20.33 -8.12 7.59
N ASP B 211 20.79 -8.85 8.59
CA ASP B 211 20.07 -9.04 9.87
C ASP B 211 20.98 -9.76 10.86
N SER B 212 20.94 -9.35 12.12
CA SER B 212 21.85 -9.90 13.13
C SER B 212 21.66 -11.39 13.43
N PHE B 213 20.42 -11.89 13.30
CA PHE B 213 20.15 -13.33 13.46
C PHE B 213 20.55 -14.08 12.21
N CYS B 214 20.37 -13.43 11.06
CA CYS B 214 20.88 -14.00 9.80
C CYS B 214 22.39 -14.17 9.92
N VAL B 215 23.06 -13.16 10.50
CA VAL B 215 24.52 -13.27 10.69
C VAL B 215 24.85 -14.44 11.62
N ASP B 216 24.03 -14.60 12.67
CA ASP B 216 24.21 -15.67 13.63
C ASP B 216 24.09 -17.04 12.98
N ARG B 217 23.12 -17.18 12.07
CA ARG B 217 22.92 -18.44 11.33
C ARG B 217 24.08 -18.78 10.40
N TYR B 218 24.74 -17.78 9.83
CA TYR B 218 25.72 -17.99 8.73
C TYR B 218 27.07 -17.32 8.92
N ARG B 219 27.45 -17.15 10.17
CA ARG B 219 28.62 -16.35 10.54
C ARG B 219 29.91 -16.84 9.84
N GLY B 220 30.21 -18.12 9.98
CA GLY B 220 31.40 -18.72 9.33
C GLY B 220 31.36 -18.53 7.81
N GLU B 221 30.18 -18.70 7.23
CA GLU B 221 30.05 -18.58 5.79
C GLU B 221 30.26 -17.16 5.29
N PHE B 222 29.67 -16.20 5.99
CA PHE B 222 29.82 -14.80 5.64
C PHE B 222 31.30 -14.36 5.73
N LEU B 223 31.98 -14.74 6.82
CA LEU B 223 33.41 -14.41 6.98
C LEU B 223 34.22 -15.03 5.85
N ASP B 224 33.89 -16.27 5.47
CA ASP B 224 34.57 -16.93 4.34
C ASP B 224 34.37 -16.19 3.02
N LEU B 225 33.14 -15.71 2.77
CA LEU B 225 32.87 -14.92 1.58
C LEU B 225 33.80 -13.72 1.48
N MSE B 226 34.00 -13.05 2.61
CA MSE B 226 34.83 -11.83 2.65
C MSE B 226 36.31 -12.16 2.54
O MSE B 226 37.00 -11.61 1.67
CB MSE B 226 34.53 -11.07 3.94
CG MSE B 226 33.14 -10.46 3.91
SE MSE B 226 32.56 -10.08 5.76
CE MSE B 226 33.89 -8.73 6.26
N ARG B 227 36.79 -13.02 3.42
CA ARG B 227 38.20 -13.44 3.45
C ARG B 227 38.73 -14.11 2.17
N SER B 228 37.88 -14.88 1.50
CA SER B 228 38.26 -15.52 0.22
C SER B 228 38.22 -14.53 -0.96
N GLY B 229 37.72 -13.32 -0.71
CA GLY B 229 37.58 -12.29 -1.73
C GLY B 229 36.44 -12.45 -2.73
N LYS B 230 35.49 -13.32 -2.42
CA LYS B 230 34.29 -13.43 -3.24
C LYS B 230 33.43 -12.16 -3.10
N VAL B 231 33.54 -11.52 -1.94
CA VAL B 231 32.89 -10.22 -1.68
C VAL B 231 33.96 -9.15 -1.50
N ASP B 232 33.83 -8.06 -2.26
CA ASP B 232 34.75 -6.91 -2.19
C ASP B 232 34.26 -5.79 -1.29
N ILE B 233 32.94 -5.60 -1.24
CA ILE B 233 32.32 -4.49 -0.49
C ILE B 233 31.20 -5.02 0.41
N VAL B 234 31.31 -4.80 1.73
CA VAL B 234 30.33 -5.33 2.70
CA VAL B 234 30.30 -5.32 2.66
C VAL B 234 29.53 -4.19 3.32
N PHE B 235 28.21 -4.38 3.46
CA PHE B 235 27.31 -3.47 4.18
C PHE B 235 26.89 -4.14 5.48
N ALA B 236 27.00 -3.40 6.58
CA ALA B 236 26.58 -3.84 7.90
C ALA B 236 25.96 -2.67 8.66
N ASN B 237 25.02 -2.96 9.54
CA ASN B 237 24.68 -1.98 10.59
C ASN B 237 25.41 -2.37 11.89
N ARG B 238 25.26 -1.55 12.94
CA ARG B 238 25.94 -1.81 14.20
C ARG B 238 25.63 -3.20 14.77
N GLN B 239 24.36 -3.59 14.72
CA GLN B 239 23.91 -4.85 15.31
C GLN B 239 24.53 -6.03 14.56
N GLU B 240 24.51 -5.95 13.24
CA GLU B 240 25.10 -6.99 12.38
C GLU B 240 26.60 -7.11 12.58
N ALA B 241 27.28 -5.96 12.70
CA ALA B 241 28.73 -5.95 12.94
C ALA B 241 29.10 -6.56 14.28
N LEU B 242 28.32 -6.21 15.32
CA LEU B 242 28.50 -6.80 16.64
C LEU B 242 28.26 -8.31 16.62
N SER B 243 27.20 -8.73 15.92
N SER B 243 27.21 -8.74 15.92
CA SER B 243 26.89 -10.15 15.76
CA SER B 243 26.92 -10.17 15.80
C SER B 243 28.00 -10.90 15.02
C SER B 243 27.97 -10.93 14.97
N LEU B 244 28.52 -10.30 13.95
CA LEU B 244 29.54 -10.96 13.10
C LEU B 244 30.76 -11.43 13.91
N TYR B 245 31.17 -10.61 14.86
CA TYR B 245 32.31 -10.90 15.73
C TYR B 245 31.95 -11.27 17.18
N GLN B 246 30.64 -11.37 17.45
CA GLN B 246 30.09 -11.75 18.76
C GLN B 246 30.76 -10.95 19.89
N THR B 247 30.68 -9.63 19.73
CA THR B 247 31.34 -8.70 20.64
C THR B 247 30.36 -7.61 21.04
N ASP B 248 30.61 -6.99 22.19
CA ASP B 248 29.89 -5.80 22.61
C ASP B 248 30.72 -4.56 22.33
N ASP B 249 31.92 -4.78 21.78
CA ASP B 249 32.85 -3.70 21.46
C ASP B 249 32.78 -3.27 19.98
N PHE B 250 32.08 -2.16 19.73
CA PHE B 250 31.90 -1.65 18.37
C PHE B 250 33.22 -1.27 17.70
N GLU B 251 34.16 -0.71 18.46
CA GLU B 251 35.47 -0.38 17.89
C GLU B 251 36.19 -1.64 17.42
N GLU B 252 36.10 -2.71 18.21
CA GLU B 252 36.64 -4.01 17.81
C GLU B 252 35.98 -4.48 16.51
N ALA B 253 34.65 -4.44 16.47
CA ALA B 253 33.90 -4.81 15.26
C ALA B 253 34.37 -4.03 14.02
N LEU B 254 34.59 -2.72 14.16
CA LEU B 254 35.05 -1.91 13.03
C LEU B 254 36.44 -2.30 12.52
N ASN B 255 37.38 -2.51 13.44
CA ASN B 255 38.74 -2.91 13.11
C ASN B 255 38.75 -4.27 12.43
N ARG B 256 37.97 -5.20 12.96
CA ARG B 256 37.89 -6.57 12.39
C ARG B 256 37.24 -6.60 10.99
N ILE B 257 36.13 -5.89 10.82
CA ILE B 257 35.48 -5.84 9.52
C ILE B 257 36.37 -5.20 8.45
N ALA B 258 37.13 -4.17 8.85
CA ALA B 258 38.07 -3.55 7.93
C ALA B 258 39.19 -4.53 7.49
N ALA B 259 39.56 -5.46 8.37
CA ALA B 259 40.61 -6.43 8.09
C ALA B 259 40.08 -7.53 7.19
N ASP B 260 38.76 -7.74 7.24
CA ASP B 260 38.13 -8.88 6.55
C ASP B 260 37.61 -8.59 5.13
N CYS B 261 37.44 -7.32 4.78
CA CYS B 261 36.98 -6.98 3.44
CA CYS B 261 36.89 -6.92 3.48
C CYS B 261 37.61 -5.68 2.94
N LYS B 262 37.64 -5.52 1.61
CA LYS B 262 38.31 -4.38 0.98
C LYS B 262 37.65 -3.07 1.37
N ILE B 263 36.32 -3.02 1.28
CA ILE B 263 35.56 -1.84 1.69
C ILE B 263 34.38 -2.30 2.55
N ALA B 264 34.19 -1.65 3.68
CA ALA B 264 33.05 -1.92 4.55
C ALA B 264 32.32 -0.62 4.77
N ALA B 265 31.00 -0.66 4.60
CA ALA B 265 30.17 0.51 4.90
C ALA B 265 29.30 0.12 6.09
N VAL B 266 29.52 0.81 7.22
CA VAL B 266 28.86 0.42 8.46
C VAL B 266 27.89 1.51 8.91
N THR B 267 26.61 1.17 8.98
CA THR B 267 25.59 2.16 9.38
C THR B 267 25.32 2.13 10.89
N MSE B 268 25.03 3.32 11.43
CA MSE B 268 24.78 3.46 12.86
C MSE B 268 23.50 4.24 13.12
O MSE B 268 23.46 5.11 13.99
CB MSE B 268 25.99 4.14 13.52
CG MSE B 268 27.30 3.42 13.20
SE MSE B 268 28.86 4.53 13.68
CE MSE B 268 28.66 6.01 12.41
N SER B 269 22.45 3.93 12.35
CA SER B 269 21.14 4.57 12.53
C SER B 269 21.23 6.11 12.59
N GLU B 270 20.73 6.71 13.68
CA GLU B 270 20.78 8.18 13.85
C GLU B 270 22.20 8.73 13.97
N ASN B 271 23.15 7.86 14.28
CA ASN B 271 24.55 8.27 14.38
C ASN B 271 25.28 8.28 13.03
N GLY B 272 24.52 8.10 11.94
CA GLY B 272 25.07 8.16 10.59
C GLY B 272 25.77 6.88 10.14
N ALA B 273 26.95 7.04 9.56
CA ALA B 273 27.65 5.89 8.96
C ALA B 273 29.15 6.08 8.97
N VAL B 274 29.89 4.98 8.84
CA VAL B 274 31.35 5.05 8.72
C VAL B 274 31.78 4.11 7.58
N ILE B 275 32.60 4.63 6.68
CA ILE B 275 33.06 3.87 5.52
C ILE B 275 34.51 3.52 5.78
N LEU B 276 34.86 2.25 5.57
CA LEU B 276 36.19 1.78 5.95
C LEU B 276 36.89 1.22 4.74
N LYS B 277 38.13 1.64 4.53
CA LYS B 277 38.97 1.05 3.49
C LYS B 277 40.41 0.94 4.00
N GLY B 278 40.84 -0.27 4.29
CA GLY B 278 42.13 -0.51 4.92
C GLY B 278 42.22 0.20 6.25
N ARG B 279 43.05 1.23 6.29
CA ARG B 279 43.23 2.04 7.50
C ARG B 279 42.42 3.34 7.43
N GLU B 280 41.85 3.64 6.26
CA GLU B 280 41.04 4.85 6.04
C GLU B 280 39.67 4.68 6.71
N ARG B 281 39.19 5.70 7.40
CA ARG B 281 37.82 5.74 7.93
C ARG B 281 37.16 7.05 7.52
N TYR B 282 35.97 6.98 6.92
CA TYR B 282 35.21 8.18 6.55
C TYR B 282 33.85 8.19 7.24
N TYR B 283 33.68 9.14 8.17
CA TYR B 283 32.42 9.26 8.89
C TYR B 283 31.48 10.20 8.15
N VAL B 284 30.20 9.85 8.14
CA VAL B 284 29.15 10.65 7.52
C VAL B 284 28.03 10.87 8.53
N ASN B 285 27.51 12.10 8.59
CA ASN B 285 26.38 12.39 9.49
C ASN B 285 25.03 11.91 8.95
N ALA B 286 24.18 11.43 9.84
CA ALA B 286 22.78 11.15 9.49
C ALA B 286 22.07 12.48 9.26
N ILE B 287 21.15 12.50 8.31
CA ILE B 287 20.32 13.69 8.11
C ILE B 287 19.44 13.85 9.35
N ARG B 288 19.18 15.09 9.76
CA ARG B 288 18.31 15.33 10.91
C ARG B 288 16.84 15.21 10.53
N ILE B 289 16.07 14.59 11.42
CA ILE B 289 14.78 14.02 11.04
C ILE B 289 13.61 14.69 11.76
N ARG B 290 12.57 15.03 10.98
CA ARG B 290 11.31 15.51 11.54
C ARG B 290 10.73 14.46 12.48
N GLU B 291 10.34 13.32 11.91
CA GLU B 291 9.83 12.19 12.66
C GLU B 291 10.08 10.89 11.91
N VAL B 292 10.51 9.86 12.64
CA VAL B 292 10.70 8.53 12.07
C VAL B 292 9.38 7.81 11.98
N VAL B 293 8.94 7.58 10.75
CA VAL B 293 7.63 7.01 10.49
C VAL B 293 7.69 5.49 10.43
N ASP B 294 8.68 4.97 9.71
CA ASP B 294 8.75 3.53 9.49
C ASP B 294 10.16 3.29 8.99
N THR B 295 10.97 2.60 9.79
CA THR B 295 12.39 2.36 9.46
C THR B 295 12.56 1.33 8.34
N THR B 296 11.48 0.69 7.89
CA THR B 296 11.58 -0.30 6.79
C THR B 296 12.29 0.25 5.55
N GLY B 297 13.37 -0.40 5.14
CA GLY B 297 14.09 0.00 3.95
C GLY B 297 15.30 0.89 4.18
N ALA B 298 15.60 1.25 5.43
CA ALA B 298 16.67 2.23 5.71
C ALA B 298 18.02 1.72 5.18
N GLY B 299 18.39 0.52 5.63
CA GLY B 299 19.65 -0.11 5.19
C GLY B 299 19.67 -0.30 3.69
N ASP B 300 18.55 -0.77 3.12
CA ASP B 300 18.47 -1.04 1.68
C ASP B 300 18.79 0.18 0.84
N LEU B 301 18.24 1.32 1.27
CA LEU B 301 18.35 2.54 0.52
C LEU B 301 19.71 3.23 0.78
N PHE B 302 20.28 3.00 1.96
CA PHE B 302 21.67 3.40 2.22
C PHE B 302 22.56 2.73 1.18
N ALA B 303 22.30 1.44 0.95
CA ALA B 303 23.04 0.73 -0.08
C ALA B 303 22.78 1.32 -1.46
N SER B 304 21.53 1.74 -1.75
CA SER B 304 21.20 2.35 -3.04
C SER B 304 22.08 3.58 -3.27
N GLY B 305 22.05 4.50 -2.32
CA GLY B 305 22.84 5.73 -2.40
C GLY B 305 24.33 5.47 -2.53
N PHE B 306 24.85 4.60 -1.66
CA PHE B 306 26.27 4.29 -1.66
C PHE B 306 26.70 3.68 -3.00
N LEU B 307 25.97 2.67 -3.45
CA LEU B 307 26.32 2.02 -4.71
C LEU B 307 26.12 2.91 -5.95
N TYR B 308 25.13 3.79 -5.93
CA TYR B 308 24.98 4.78 -7.00
C TYR B 308 26.20 5.69 -7.05
N GLY B 309 26.58 6.24 -5.90
CA GLY B 309 27.80 7.04 -5.80
C GLY B 309 29.04 6.27 -6.25
N TYR B 310 29.17 5.03 -5.78
CA TYR B 310 30.35 4.20 -6.07
C TYR B 310 30.57 3.95 -7.57
N THR B 311 29.47 3.69 -8.27
CA THR B 311 29.53 3.38 -9.69
C THR B 311 29.52 4.63 -10.56
N GLN B 312 29.40 5.80 -9.93
CA GLN B 312 29.59 7.09 -10.61
C GLN B 312 31.01 7.65 -10.37
N GLY B 313 31.85 6.90 -9.66
CA GLY B 313 33.24 7.33 -9.41
C GLY B 313 33.40 8.34 -8.29
N ARG B 314 32.38 8.44 -7.44
CA ARG B 314 32.42 9.38 -6.32
C ARG B 314 33.32 8.89 -5.18
N SER B 315 33.80 9.85 -4.39
CA SER B 315 34.59 9.58 -3.19
C SER B 315 33.80 8.72 -2.18
N LEU B 316 34.50 7.92 -1.38
CA LEU B 316 33.82 7.08 -0.37
C LEU B 316 32.96 7.90 0.59
N GLU B 317 33.43 9.10 0.96
CA GLU B 317 32.60 9.97 1.80
C GLU B 317 31.31 10.38 1.08
N ASP B 318 31.41 10.84 -0.15
CA ASP B 318 30.24 11.22 -0.93
C ASP B 318 29.29 10.03 -1.16
N CYS B 319 29.84 8.82 -1.29
CA CYS B 319 28.97 7.64 -1.36
C CYS B 319 28.18 7.46 -0.05
N GLY B 320 28.86 7.62 1.08
CA GLY B 320 28.23 7.58 2.40
C GLY B 320 27.17 8.66 2.55
N LYS B 321 27.48 9.86 2.04
CA LYS B 321 26.52 10.98 2.06
C LYS B 321 25.25 10.67 1.29
N LEU B 322 25.43 10.10 0.10
CA LEU B 322 24.32 9.73 -0.78
C LEU B 322 23.47 8.63 -0.12
N GLY B 323 24.14 7.67 0.51
CA GLY B 323 23.48 6.63 1.29
C GLY B 323 22.64 7.17 2.43
N CYS B 324 23.22 8.08 3.22
CA CYS B 324 22.46 8.64 4.34
C CYS B 324 21.26 9.46 3.87
N LEU B 325 21.40 10.10 2.70
CA LEU B 325 20.33 10.94 2.16
C LEU B 325 19.15 10.05 1.78
N ALA B 326 19.44 8.98 1.05
CA ALA B 326 18.37 8.07 0.65
C ALA B 326 17.71 7.36 1.85
N ALA B 327 18.52 6.94 2.82
CA ALA B 327 18.04 6.26 4.01
C ALA B 327 17.12 7.18 4.83
N GLY B 328 17.53 8.44 4.97
CA GLY B 328 16.75 9.44 5.71
C GLY B 328 15.39 9.73 5.09
N ILE B 329 15.33 9.71 3.77
CA ILE B 329 14.08 9.92 3.03
C ILE B 329 13.15 8.72 3.21
N VAL B 330 13.67 7.51 3.08
CA VAL B 330 12.78 6.34 3.15
C VAL B 330 12.16 6.13 4.53
N ILE B 331 12.83 6.57 5.60
CA ILE B 331 12.31 6.34 6.96
C ILE B 331 11.25 7.35 7.38
N GLN B 332 11.04 8.35 6.54
CA GLN B 332 9.99 9.36 6.75
C GLN B 332 8.70 9.05 5.99
N GLN B 333 8.59 7.85 5.43
CA GLN B 333 7.36 7.45 4.74
C GLN B 333 7.01 6.02 5.11
N ILE B 334 5.75 5.66 4.91
CA ILE B 334 5.35 4.27 5.06
C ILE B 334 5.76 3.52 3.80
N GLY B 335 6.35 2.33 3.97
CA GLY B 335 6.75 1.51 2.84
C GLY B 335 8.22 1.61 2.48
N PRO B 336 8.75 0.59 1.79
CA PRO B 336 10.20 0.42 1.67
C PRO B 336 10.91 1.09 0.49
N ARG B 337 10.16 1.63 -0.46
CA ARG B 337 10.74 2.22 -1.67
C ARG B 337 10.26 3.65 -1.77
N PRO B 338 11.21 4.61 -1.78
CA PRO B 338 10.83 6.01 -1.83
C PRO B 338 9.86 6.35 -2.96
N MSE B 339 8.75 7.00 -2.58
CA MSE B 339 7.74 7.51 -3.52
C MSE B 339 8.09 8.86 -4.10
O MSE B 339 7.37 9.38 -4.96
CB MSE B 339 6.44 7.58 -2.74
CG MSE B 339 6.01 6.19 -2.28
SE MSE B 339 4.40 6.38 -1.16
CE MSE B 339 5.19 7.06 0.50
N THR B 340 9.18 9.45 -3.63
CA THR B 340 9.65 10.76 -4.12
C THR B 340 10.93 10.58 -4.92
N SER B 341 11.36 11.63 -5.61
CA SER B 341 12.55 11.56 -6.45
C SER B 341 13.82 11.72 -5.63
N LEU B 342 14.60 10.64 -5.59
CA LEU B 342 15.89 10.64 -4.94
C LEU B 342 16.87 11.53 -5.67
N SER B 343 16.85 11.49 -7.01
CA SER B 343 17.73 12.35 -7.81
C SER B 343 17.47 13.83 -7.52
N GLU B 344 16.19 14.24 -7.50
CA GLU B 344 15.86 15.62 -7.14
C GLU B 344 16.41 15.98 -5.77
N ALA B 345 16.26 15.08 -4.80
CA ALA B 345 16.70 15.32 -3.41
C ALA B 345 18.21 15.49 -3.38
N ALA B 346 18.89 14.60 -4.09
CA ALA B 346 20.34 14.64 -4.24
C ALA B 346 20.84 15.94 -4.87
N LYS B 347 20.17 16.41 -5.91
CA LYS B 347 20.49 17.70 -6.57
C LYS B 347 20.30 18.86 -5.60
N GLN B 348 19.20 18.84 -4.86
CA GLN B 348 18.96 19.88 -3.85
C GLN B 348 20.05 19.88 -2.78
N ALA B 349 20.58 18.68 -2.49
CA ALA B 349 21.59 18.49 -1.44
C ALA B 349 23.04 18.80 -1.88
N GLY B 350 23.23 19.22 -3.13
CA GLY B 350 24.57 19.47 -3.67
C GLY B 350 25.38 18.21 -3.95
N LEU B 351 24.73 17.04 -3.86
CA LEU B 351 25.37 15.75 -4.10
C LEU B 351 25.27 15.35 -5.57
N ILE B 352 24.23 15.86 -6.21
CA ILE B 352 23.96 15.77 -7.66
C ILE B 352 23.76 14.36 -8.20
O5' ADN C . -14.22 6.53 -3.29
C5' ADN C . -12.88 6.03 -3.47
C4' ADN C . -13.01 4.53 -3.74
O4' ADN C . -13.78 4.30 -4.91
C3' ADN C . -11.69 3.82 -4.01
O3' ADN C . -11.24 3.19 -2.82
C2' ADN C . -11.99 2.82 -5.12
O2' ADN C . -11.71 1.49 -4.71
C1' ADN C . -13.49 2.94 -5.26
N9 ADN C . -14.01 2.63 -6.60
C8 ADN C . -13.47 2.86 -7.80
N7 ADN C . -14.29 2.45 -8.79
C5 ADN C . -15.39 1.94 -8.20
C6 ADN C . -16.66 1.34 -8.64
N6 ADN C . -16.92 1.19 -9.96
N1 ADN C . -17.51 0.96 -7.66
C2 ADN C . -17.27 1.09 -6.36
N3 ADN C . -16.15 1.66 -5.89
C4 ADN C . -15.20 2.08 -6.76
O13 1QB D . -15.62 15.77 1.14
O13 1QB D . -15.62 18.30 3.85
C11 1QB D . -15.60 16.49 2.11
C11 1QB D . -15.64 17.34 3.09
C12 1QB D . -16.84 17.15 2.65
C12 1QB D . -16.93 16.70 2.66
N10 1QB D . -14.49 16.75 2.80
N10 1QB D . -14.53 16.80 2.62
C7 1QB D . -13.54 17.55 2.31
C7 1QB D . -13.55 17.59 2.20
C3 1QB D . -12.91 18.46 3.16
C3 1QB D . -12.94 18.47 3.09
C9 1QB D . -13.18 17.47 0.97
C9 1QB D . -13.13 17.54 0.87
C5 1QB D . -12.18 18.31 0.45
C5 1QB D . -12.11 18.37 0.40
C2 1QB D . -11.58 19.21 1.31
C2 1QB D . -11.52 19.24 1.32
C6 1QB D . -10.50 20.19 0.96
C6 1QB D . -10.41 20.21 1.03
C8 1QB D . -10.26 20.94 2.29
C8 1QB D . -10.25 20.96 2.36
C4 1QB D . -11.14 20.32 3.37
C4 1QB D . -11.15 20.30 3.41
C1 1QB D . -11.93 19.28 2.63
C1 1QB D . -11.92 19.28 2.62
S DMS E . -4.20 -4.58 -14.04
O DMS E . -5.54 -5.15 -13.89
C1 DMS E . -3.45 -4.51 -12.51
C2 DMS E . -3.23 -5.73 -14.84
S DMS F . -7.20 -8.90 -15.20
O DMS F . -5.76 -9.01 -15.53
C1 DMS F . -7.73 -7.37 -15.71
C2 DMS F . -8.09 -9.92 -16.24
K K G . -6.88 9.31 0.80
O5' ADN H . 14.72 -4.05 4.49
C5' ADN H . 13.27 -4.03 4.45
C4' ADN H . 12.83 -5.09 3.45
O4' ADN H . 13.25 -6.37 3.91
C3' ADN H . 11.31 -5.23 3.36
O3' ADN H . 10.87 -4.56 2.17
C2' ADN H . 11.07 -6.73 3.26
O2' ADN H . 10.37 -7.06 2.07
C1' ADN H . 12.48 -7.28 3.16
N9 ADN H . 12.59 -8.65 3.71
C8 ADN H . 11.91 -9.20 4.74
N7 ADN H . 12.31 -10.48 4.93
C5 ADN H . 13.25 -10.75 4.01
C6 ADN H . 14.08 -11.92 3.64
N6 ADN H . 14.01 -13.08 4.32
N1 ADN H . 14.92 -11.75 2.58
C2 ADN H . 15.05 -10.60 1.90
N3 ADN H . 14.33 -9.50 2.18
C4 ADN H . 13.44 -9.54 3.21
O13 1QB I . 20.83 4.35 7.96
O13 1QB I . 21.85 7.99 8.49
C11 1QB I . 21.25 5.48 8.09
C11 1QB I . 21.43 6.87 8.22
C12 1QB I . 22.72 5.79 8.15
C12 1QB I . 22.33 5.70 8.06
N10 1QB I . 20.44 6.54 8.20
N10 1QB I . 20.13 6.64 8.06
C7 1QB I . 19.57 6.59 9.22
C7 1QB I . 19.35 6.63 9.16
C3 1QB I . 19.25 7.82 9.81
C3 1QB I . 19.02 7.84 9.78
C9 1QB I . 19.00 5.41 9.69
C9 1QB I . 18.90 5.43 9.68
C5 1QB I . 18.10 5.42 10.75
C5 1QB I . 18.09 5.40 10.81
C2 1QB I . 17.80 6.65 11.33
C2 1QB I . 17.77 6.60 11.41
C6 1QB I . 16.85 6.89 12.48
C6 1QB I . 16.92 6.78 12.64
C8 1QB I . 16.94 8.40 12.70
C8 1QB I . 16.93 8.30 12.86
C4 1QB I . 17.88 9.02 11.64
C4 1QB I . 17.74 8.96 11.73
C1 1QB I . 18.35 7.82 10.87
C1 1QB I . 18.22 7.79 10.91
S DMS J . -0.45 -14.67 4.70
O DMS J . 0.69 -15.32 4.02
C1 DMS J . -0.75 -13.15 3.98
C2 DMS J . -1.89 -15.47 4.25
S DMS K . 0.49 -19.09 1.63
O DMS K . -0.96 -18.93 1.89
C1 DMS K . 1.35 -18.77 3.08
C2 DMS K . 0.84 -20.74 1.40
K K L . 9.82 3.15 5.32
#